data_7C6H
#
_entry.id   7C6H
#
_cell.length_a   62.510
_cell.length_b   92.250
_cell.length_c   69.780
_cell.angle_alpha   90.000
_cell.angle_beta   112.420
_cell.angle_gamma   90.000
#
_symmetry.space_group_name_H-M   'P 1 21 1'
#
loop_
_entity.id
_entity.type
_entity.pdbx_description
1 polymer 'Sugar ABC transporter, periplasmic sugar-binding protein'
2 branched beta-D-glucopyranose-(1-3)-beta-D-glucopyranose
3 non-polymer 'CHLORIDE ION'
4 non-polymer 'ACETATE ION'
5 non-polymer 'SULFATE ION'
6 non-polymer 1,2-ETHANEDIOL
7 non-polymer S-1,2-PROPANEDIOL
8 non-polymer DI(HYDROXYETHYL)ETHER
9 water water
#
_entity_poly.entity_id   1
_entity_poly.type   'polypeptide(L)'
_entity_poly.pdbx_seq_one_letter_code
;MQKTLEVWIMPNSPQPAEDFKALVAPFEKAHGVEVKVTVLDWGVAWTKITTAATSGVGPDLTQLGTTWVGAISAMGVLEP
VDDVLEALGGEKAYLPAVWRTTRLEGARQATAVPWFSELRAFYYRTDALKAAGVNPAEMFASWQGFEAGLARLKASSFRD
PETKAPLAPLCTPGRTPRTLHNAAPWIWGAGGEIVRQAGGRWQSALNSPESLEGLYFFLSLAQKGYVPAESLEKNTAQIE
ADFQAGKCAVFASGPWMIQRAQVPEAKGGFAERTAAKNLGVAPYPAGPKGRYTFFGGSNLALFNFSKNKPLAKELLKYLG
GPEAQVRYAQMTGMLPALRSAWSDPSFQQNPLLRTFIQAAQFGRTYPSLAGWGGVENLAVQHLGMAWDLVAQGRLTREAL
KDLMDKASAAINQALRHHHHHH
;
_entity_poly.pdbx_strand_id   A,B
#
loop_
_chem_comp.id
_chem_comp.type
_chem_comp.name
_chem_comp.formula
ACT non-polymer 'ACETATE ION' 'C2 H3 O2 -1'
BGC D-saccharide, beta linking beta-D-glucopyranose 'C6 H12 O6'
CL non-polymer 'CHLORIDE ION' 'Cl -1'
EDO non-polymer 1,2-ETHANEDIOL 'C2 H6 O2'
PEG non-polymer DI(HYDROXYETHYL)ETHER 'C4 H10 O3'
PGO non-polymer S-1,2-PROPANEDIOL 'C3 H8 O2'
SO4 non-polymer 'SULFATE ION' 'O4 S -2'
#
# COMPACT_ATOMS: atom_id res chain seq x y z
N MET A 1 -45.34 -1.44 -11.71
CA MET A 1 -43.95 -1.85 -11.90
C MET A 1 -43.18 -1.48 -10.64
N GLN A 2 -42.23 -2.32 -10.22
CA GLN A 2 -41.44 -2.09 -8.99
C GLN A 2 -40.62 -0.83 -9.26
N LYS A 3 -40.61 0.08 -8.31
CA LYS A 3 -39.58 1.14 -8.19
C LYS A 3 -38.20 0.48 -8.03
N THR A 4 -37.13 1.19 -8.35
CA THR A 4 -35.74 0.70 -8.27
C THR A 4 -34.89 1.57 -7.34
N LEU A 5 -34.05 0.91 -6.56
CA LEU A 5 -32.94 1.53 -5.81
C LEU A 5 -31.71 0.63 -6.02
N GLU A 6 -30.55 1.23 -6.11
CA GLU A 6 -29.27 0.52 -6.28
C GLU A 6 -28.40 0.84 -5.11
N VAL A 7 -27.73 -0.17 -4.55
CA VAL A 7 -26.78 0.06 -3.42
C VAL A 7 -25.47 -0.65 -3.72
N TRP A 8 -24.33 0.08 -3.64
CA TRP A 8 -22.99 -0.54 -3.63
C TRP A 8 -22.54 -0.83 -2.19
N ILE A 9 -22.09 -2.06 -1.93
CA ILE A 9 -21.53 -2.52 -0.64
C ILE A 9 -20.20 -3.23 -0.89
N MET A 10 -19.41 -3.30 0.17
CA MET A 10 -18.17 -4.11 0.25
C MET A 10 -18.53 -5.48 0.86
N PRO A 11 -17.62 -6.47 0.80
CA PRO A 11 -17.88 -7.82 1.32
C PRO A 11 -17.85 -7.88 2.87
N ASN A 12 -18.92 -7.46 3.54
CA ASN A 12 -18.96 -7.28 5.02
C ASN A 12 -19.29 -8.60 5.76
N SER A 13 -19.88 -9.57 5.06
CA SER A 13 -20.53 -10.77 5.67
C SER A 13 -20.13 -11.95 4.82
N PRO A 14 -20.42 -13.18 5.27
CA PRO A 14 -20.03 -14.35 4.50
C PRO A 14 -20.67 -14.49 3.10
N GLN A 15 -21.93 -14.17 2.92
CA GLN A 15 -22.61 -14.15 1.57
C GLN A 15 -23.06 -12.71 1.33
N PRO A 16 -22.17 -11.80 0.93
CA PRO A 16 -22.45 -10.37 1.03
C PRO A 16 -23.75 -9.94 0.38
N ALA A 17 -23.99 -10.31 -0.88
CA ALA A 17 -25.19 -9.92 -1.63
C ALA A 17 -26.39 -10.61 -0.97
N GLU A 18 -26.34 -11.93 -0.74
CA GLU A 18 -27.51 -12.71 -0.23
CA GLU A 18 -27.56 -12.64 -0.29
C GLU A 18 -27.91 -12.14 1.14
N ASP A 19 -26.93 -11.89 2.00
CA ASP A 19 -27.17 -11.32 3.36
C ASP A 19 -27.83 -9.96 3.25
N PHE A 20 -27.31 -9.11 2.37
CA PHE A 20 -27.85 -7.75 2.23
C PHE A 20 -29.29 -7.87 1.72
N LYS A 21 -29.54 -8.76 0.74
CA LYS A 21 -30.90 -8.90 0.13
C LYS A 21 -31.85 -9.39 1.22
N ALA A 22 -31.43 -10.32 2.09
CA ALA A 22 -32.21 -10.77 3.29
C ALA A 22 -32.49 -9.58 4.21
N LEU A 23 -31.45 -8.77 4.46
CA LEU A 23 -31.61 -7.58 5.34
C LEU A 23 -32.72 -6.70 4.82
N VAL A 24 -32.76 -6.40 3.51
CA VAL A 24 -33.69 -5.33 3.03
C VAL A 24 -35.04 -5.89 2.54
N ALA A 25 -35.25 -7.21 2.50
CA ALA A 25 -36.50 -7.80 1.95
C ALA A 25 -37.76 -7.19 2.60
N PRO A 26 -37.80 -6.95 3.91
CA PRO A 26 -38.97 -6.28 4.53
C PRO A 26 -39.22 -4.86 4.00
N PHE A 27 -38.14 -4.14 3.73
CA PHE A 27 -38.25 -2.77 3.20
C PHE A 27 -38.83 -2.83 1.78
N GLU A 28 -38.32 -3.77 1.00
CA GLU A 28 -38.74 -3.98 -0.40
C GLU A 28 -40.26 -4.18 -0.45
N LYS A 29 -40.72 -5.08 0.39
CA LYS A 29 -42.15 -5.44 0.51
C LYS A 29 -42.95 -4.21 0.94
N ALA A 30 -42.49 -3.47 1.96
CA ALA A 30 -43.24 -2.32 2.52
C ALA A 30 -43.32 -1.17 1.51
N HIS A 31 -42.34 -0.98 0.64
CA HIS A 31 -42.28 0.24 -0.22
C HIS A 31 -42.38 -0.07 -1.72
N GLY A 32 -42.73 -1.31 -2.11
CA GLY A 32 -42.92 -1.74 -3.52
C GLY A 32 -41.70 -1.40 -4.36
N VAL A 33 -40.52 -1.76 -3.85
CA VAL A 33 -39.21 -1.41 -4.50
C VAL A 33 -38.33 -2.64 -4.56
N GLU A 34 -37.58 -2.76 -5.66
CA GLU A 34 -36.50 -3.75 -5.75
C GLU A 34 -35.18 -3.01 -5.48
N VAL A 35 -34.47 -3.45 -4.46
CA VAL A 35 -33.11 -2.92 -4.14
C VAL A 35 -32.10 -3.81 -4.82
N LYS A 36 -31.42 -3.28 -5.82
CA LYS A 36 -30.33 -3.94 -6.56
C LYS A 36 -29.05 -3.78 -5.76
N VAL A 37 -28.35 -4.87 -5.44
CA VAL A 37 -27.06 -4.72 -4.71
C VAL A 37 -25.91 -5.13 -5.63
N THR A 38 -24.82 -4.37 -5.57
CA THR A 38 -23.54 -4.69 -6.27
C THR A 38 -22.46 -4.76 -5.21
N VAL A 39 -21.69 -5.86 -5.20
CA VAL A 39 -20.60 -6.02 -4.23
C VAL A 39 -19.27 -5.61 -4.86
N LEU A 40 -18.53 -4.72 -4.22
CA LEU A 40 -17.18 -4.23 -4.62
C LEU A 40 -16.14 -4.71 -3.63
N ASP A 41 -15.13 -5.39 -4.14
CA ASP A 41 -13.91 -5.65 -3.33
C ASP A 41 -13.43 -4.35 -2.69
N TRP A 42 -13.05 -4.42 -1.41
CA TRP A 42 -12.50 -3.29 -0.65
C TRP A 42 -11.41 -2.59 -1.45
N GLY A 43 -10.57 -3.35 -2.16
CA GLY A 43 -9.40 -2.73 -2.82
C GLY A 43 -9.74 -2.00 -4.10
N VAL A 44 -10.88 -2.26 -4.71
CA VAL A 44 -11.36 -1.59 -5.96
C VAL A 44 -12.48 -0.58 -5.65
N ALA A 45 -13.13 -0.62 -4.48
CA ALA A 45 -14.37 0.15 -4.26
C ALA A 45 -14.10 1.67 -4.33
N TRP A 46 -13.01 2.13 -3.79
CA TRP A 46 -12.72 3.59 -3.71
C TRP A 46 -12.68 4.18 -5.09
N THR A 47 -11.92 3.60 -6.01
CA THR A 47 -11.81 4.12 -7.39
C THR A 47 -13.18 4.04 -8.09
N LYS A 48 -13.95 2.99 -7.89
CA LYS A 48 -15.29 2.86 -8.55
C LYS A 48 -16.23 3.93 -8.02
N ILE A 49 -16.12 4.23 -6.75
CA ILE A 49 -16.92 5.27 -6.08
C ILE A 49 -16.50 6.65 -6.60
N THR A 50 -15.21 6.97 -6.69
CA THR A 50 -14.77 8.31 -7.18
C THR A 50 -15.11 8.43 -8.67
N THR A 51 -15.07 7.34 -9.42
CA THR A 51 -15.52 7.37 -10.86
C THR A 51 -17.03 7.70 -10.90
N ALA A 52 -17.82 7.06 -10.04
CA ALA A 52 -19.28 7.37 -9.97
C ALA A 52 -19.45 8.86 -9.65
N ALA A 53 -18.76 9.33 -8.60
CA ALA A 53 -18.89 10.70 -8.08
C ALA A 53 -18.59 11.76 -9.15
N THR A 54 -17.52 11.61 -9.92
CA THR A 54 -17.14 12.59 -10.94
C THR A 54 -17.97 12.40 -12.22
N SER A 55 -18.37 11.18 -12.59
CA SER A 55 -19.14 10.92 -13.85
C SER A 55 -20.64 11.22 -13.67
N GLY A 56 -21.10 11.24 -12.41
CA GLY A 56 -22.51 11.53 -12.07
C GLY A 56 -23.38 10.32 -12.43
N VAL A 57 -22.76 9.16 -12.52
CA VAL A 57 -23.41 7.89 -12.90
C VAL A 57 -23.10 6.88 -11.81
N GLY A 58 -24.10 6.29 -11.21
CA GLY A 58 -23.79 5.23 -10.24
C GLY A 58 -25.00 4.81 -9.45
N PRO A 59 -24.81 4.32 -8.22
CA PRO A 59 -25.93 3.80 -7.46
C PRO A 59 -26.67 5.01 -6.83
N ASP A 60 -27.73 4.71 -6.10
CA ASP A 60 -28.39 5.72 -5.22
C ASP A 60 -27.56 5.80 -3.93
N LEU A 61 -27.33 4.68 -3.27
CA LEU A 61 -26.51 4.64 -2.02
C LEU A 61 -25.22 3.89 -2.26
N THR A 62 -24.15 4.34 -1.59
CA THR A 62 -22.89 3.55 -1.51
C THR A 62 -22.47 3.45 -0.05
N GLN A 63 -21.97 2.28 0.32
CA GLN A 63 -21.14 2.10 1.54
C GLN A 63 -19.88 2.94 1.39
N LEU A 64 -19.44 3.54 2.48
CA LEU A 64 -18.13 4.18 2.60
C LEU A 64 -17.46 3.70 3.88
N GLY A 65 -16.19 3.34 3.84
CA GLY A 65 -15.38 3.26 5.05
C GLY A 65 -15.53 4.56 5.83
N THR A 66 -15.55 4.52 7.18
CA THR A 66 -15.58 5.80 7.90
C THR A 66 -14.47 6.72 7.42
N THR A 67 -13.24 6.21 7.12
CA THR A 67 -12.06 7.05 6.78
C THR A 67 -12.22 7.69 5.39
N TRP A 68 -13.22 7.29 4.59
CA TRP A 68 -13.47 7.83 3.21
C TRP A 68 -14.45 9.00 3.18
N VAL A 69 -15.11 9.28 4.30
CA VAL A 69 -16.29 10.19 4.31
C VAL A 69 -15.82 11.61 3.97
N GLY A 70 -14.70 12.00 4.48
CA GLY A 70 -14.17 13.37 4.27
C GLY A 70 -13.87 13.61 2.81
N ALA A 71 -13.13 12.70 2.20
CA ALA A 71 -12.69 12.82 0.80
C ALA A 71 -13.89 12.89 -0.15
N ILE A 72 -14.83 11.96 -0.05
CA ILE A 72 -16.00 11.99 -0.96
C ILE A 72 -16.83 13.24 -0.68
N SER A 73 -17.07 13.59 0.60
CA SER A 73 -17.91 14.75 0.97
C SER A 73 -17.31 16.03 0.37
N ALA A 74 -15.99 16.16 0.34
CA ALA A 74 -15.32 17.39 -0.15
C ALA A 74 -15.54 17.53 -1.66
N MET A 75 -15.92 16.47 -2.35
CA MET A 75 -16.15 16.47 -3.83
C MET A 75 -17.51 17.12 -4.15
N GLY A 76 -18.33 17.40 -3.14
CA GLY A 76 -19.64 18.05 -3.23
C GLY A 76 -20.67 17.17 -3.89
N VAL A 77 -20.51 15.85 -3.85
CA VAL A 77 -21.38 14.92 -4.65
C VAL A 77 -22.43 14.23 -3.75
N LEU A 78 -22.40 14.45 -2.45
CA LEU A 78 -23.28 13.71 -1.50
C LEU A 78 -24.44 14.60 -1.04
N GLU A 79 -25.61 13.96 -0.94
CA GLU A 79 -26.85 14.58 -0.42
C GLU A 79 -26.74 14.73 1.07
N PRO A 80 -27.10 15.92 1.64
CA PRO A 80 -27.17 16.09 3.09
C PRO A 80 -28.19 15.14 3.71
N VAL A 81 -27.84 14.55 4.83
CA VAL A 81 -28.64 13.52 5.55
C VAL A 81 -28.84 13.90 7.02
N ASP A 82 -28.75 15.19 7.35
CA ASP A 82 -29.10 15.67 8.73
C ASP A 82 -30.52 15.25 9.05
N ASP A 83 -31.44 15.31 8.08
CA ASP A 83 -32.84 14.85 8.28
C ASP A 83 -32.89 13.40 8.74
N VAL A 84 -32.23 12.51 8.01
CA VAL A 84 -32.17 11.08 8.36
C VAL A 84 -31.62 10.95 9.78
N LEU A 85 -30.53 11.61 10.08
CA LEU A 85 -29.84 11.44 11.40
C LEU A 85 -30.78 11.95 12.52
N GLU A 86 -31.50 13.05 12.31
CA GLU A 86 -32.46 13.56 13.34
C GLU A 86 -33.55 12.51 13.54
N ALA A 87 -34.01 11.89 12.47
CA ALA A 87 -35.05 10.84 12.49
C ALA A 87 -34.60 9.65 13.34
N LEU A 88 -33.32 9.31 13.28
CA LEU A 88 -32.72 8.17 14.03
C LEU A 88 -32.34 8.52 15.46
N GLY A 89 -32.45 9.79 15.87
CA GLY A 89 -32.26 10.19 17.27
C GLY A 89 -31.24 11.29 17.44
N GLY A 90 -30.64 11.81 16.36
CA GLY A 90 -29.75 12.97 16.44
C GLY A 90 -28.42 12.61 17.08
N GLU A 91 -27.62 13.61 17.40
CA GLU A 91 -26.26 13.45 17.99
C GLU A 91 -26.24 12.47 19.18
N LYS A 92 -27.25 12.48 20.04
CA LYS A 92 -27.21 11.67 21.27
C LYS A 92 -27.33 10.18 20.93
N ALA A 93 -27.83 9.80 19.74
CA ALA A 93 -28.03 8.39 19.39
C ALA A 93 -26.72 7.73 18.99
N TYR A 94 -25.61 8.44 18.94
CA TYR A 94 -24.31 7.86 18.51
C TYR A 94 -23.21 8.20 19.52
N LEU A 95 -22.29 7.27 19.69
CA LEU A 95 -21.01 7.56 20.38
C LEU A 95 -20.36 8.72 19.65
N PRO A 96 -19.76 9.71 20.34
CA PRO A 96 -19.15 10.85 19.66
C PRO A 96 -18.16 10.51 18.55
N ALA A 97 -17.26 9.55 18.77
CA ALA A 97 -16.33 9.12 17.72
C ALA A 97 -17.12 8.62 16.49
N VAL A 98 -18.29 7.97 16.65
CA VAL A 98 -19.11 7.56 15.47
C VAL A 98 -19.75 8.81 14.82
N TRP A 99 -20.32 9.71 15.60
CA TRP A 99 -20.96 10.96 15.08
C TRP A 99 -19.97 11.76 14.23
N ARG A 100 -18.70 11.80 14.63
CA ARG A 100 -17.63 12.54 13.92
C ARG A 100 -17.54 12.05 12.46
N THR A 101 -17.86 10.77 12.22
CA THR A 101 -17.71 10.13 10.86
C THR A 101 -18.95 10.43 9.99
N THR A 102 -19.92 11.24 10.42
CA THR A 102 -21.13 11.58 9.62
C THR A 102 -20.87 12.78 8.69
N ARG A 103 -19.71 13.40 8.75
CA ARG A 103 -19.43 14.60 7.94
C ARG A 103 -17.93 14.76 7.72
N LEU A 104 -17.56 15.51 6.70
CA LEU A 104 -16.22 16.13 6.57
C LEU A 104 -15.96 16.98 7.83
N GLU A 105 -14.76 16.87 8.38
CA GLU A 105 -14.39 17.58 9.62
C GLU A 105 -14.68 19.07 9.40
N GLY A 106 -15.44 19.69 10.32
CA GLY A 106 -15.77 21.11 10.24
C GLY A 106 -16.88 21.48 9.28
N ALA A 107 -17.44 20.55 8.52
CA ALA A 107 -18.50 20.88 7.53
C ALA A 107 -19.84 21.11 8.25
N ARG A 108 -20.69 21.91 7.59
CA ARG A 108 -21.99 22.41 8.09
C ARG A 108 -23.05 21.30 8.05
N GLN A 109 -23.01 20.45 7.01
CA GLN A 109 -24.06 19.41 6.82
C GLN A 109 -23.47 17.99 6.90
N ALA A 110 -24.21 17.06 7.51
CA ALA A 110 -23.93 15.60 7.52
C ALA A 110 -24.15 15.04 6.12
N THR A 111 -23.23 14.18 5.69
CA THR A 111 -23.22 13.50 4.39
C THR A 111 -23.14 11.99 4.52
N ALA A 112 -23.14 11.40 5.74
CA ALA A 112 -23.10 9.92 5.80
C ALA A 112 -23.87 9.45 7.02
N VAL A 113 -24.54 8.31 6.87
CA VAL A 113 -25.33 7.68 7.96
C VAL A 113 -24.50 6.52 8.49
N PRO A 114 -24.29 6.44 9.81
CA PRO A 114 -23.54 5.32 10.38
C PRO A 114 -24.26 3.99 10.21
N TRP A 115 -23.53 2.99 9.70
CA TRP A 115 -24.09 1.67 9.41
C TRP A 115 -23.61 0.63 10.41
N PHE A 116 -22.29 0.44 10.56
CA PHE A 116 -21.74 -0.54 11.50
C PHE A 116 -20.39 -0.03 11.97
N SER A 117 -19.99 -0.43 13.19
CA SER A 117 -18.73 -0.01 13.79
C SER A 117 -17.75 -1.17 13.84
N GLU A 118 -16.50 -0.91 13.47
CA GLU A 118 -15.33 -1.78 13.78
C GLU A 118 -14.69 -1.23 15.04
N LEU A 119 -14.37 -2.08 16.02
CA LEU A 119 -13.56 -1.64 17.16
C LEU A 119 -12.66 -2.81 17.54
N ARG A 120 -11.64 -2.48 18.32
CA ARG A 120 -10.60 -3.45 18.70
C ARG A 120 -10.45 -3.54 20.21
N ALA A 121 -10.33 -4.78 20.67
CA ALA A 121 -10.08 -5.11 22.09
C ALA A 121 -9.11 -6.28 22.12
N PHE A 122 -8.57 -6.60 23.28
CA PHE A 122 -7.60 -7.71 23.48
C PHE A 122 -8.36 -8.99 23.80
N TYR A 123 -8.20 -9.98 22.95
CA TYR A 123 -8.49 -11.38 23.26
C TYR A 123 -7.30 -11.95 24.01
N TYR A 124 -7.54 -12.78 25.00
CA TYR A 124 -6.43 -13.39 25.77
C TYR A 124 -6.79 -14.81 26.17
N ARG A 125 -5.76 -15.63 26.28
CA ARG A 125 -5.91 -17.04 26.71
C ARG A 125 -6.02 -17.07 28.26
N THR A 126 -7.21 -17.38 28.77
CA THR A 126 -7.49 -17.39 30.24
C THR A 126 -6.55 -18.40 30.89
N ASP A 127 -6.30 -19.53 30.22
CA ASP A 127 -5.38 -20.59 30.69
C ASP A 127 -3.95 -20.09 30.79
N ALA A 128 -3.46 -19.35 29.79
CA ALA A 128 -2.07 -18.88 29.75
C ALA A 128 -1.85 -17.79 30.82
N LEU A 129 -2.80 -16.87 30.99
CA LEU A 129 -2.61 -15.82 32.04
C LEU A 129 -2.62 -16.47 33.42
N LYS A 130 -3.52 -17.43 33.65
CA LYS A 130 -3.53 -18.16 34.95
C LYS A 130 -2.16 -18.81 35.19
N ALA A 131 -1.64 -19.59 34.23
CA ALA A 131 -0.35 -20.32 34.38
C ALA A 131 0.79 -19.33 34.60
N ALA A 132 0.75 -18.10 34.04
CA ALA A 132 1.82 -17.08 34.14
C ALA A 132 1.70 -16.24 35.42
N GLY A 133 0.62 -16.42 36.16
CA GLY A 133 0.33 -15.72 37.43
C GLY A 133 -0.11 -14.31 37.15
N VAL A 134 -0.78 -14.08 35.99
CA VAL A 134 -1.18 -12.70 35.56
C VAL A 134 -2.69 -12.57 35.74
N ASN A 135 -3.09 -11.53 36.49
CA ASN A 135 -4.52 -11.15 36.70
C ASN A 135 -4.92 -10.26 35.51
N PRO A 136 -5.85 -10.69 34.62
CA PRO A 136 -6.19 -9.87 33.46
C PRO A 136 -6.68 -8.45 33.85
N ALA A 137 -7.40 -8.32 34.98
CA ALA A 137 -7.75 -7.01 35.59
C ALA A 137 -6.53 -6.11 35.70
N GLU A 138 -5.38 -6.58 36.09
CA GLU A 138 -4.19 -5.70 36.26
C GLU A 138 -3.48 -5.54 34.91
N MET A 139 -3.32 -6.64 34.19
CA MET A 139 -2.57 -6.63 32.89
C MET A 139 -3.23 -5.63 31.92
N PHE A 140 -4.55 -5.56 31.90
CA PHE A 140 -5.20 -4.64 30.94
C PHE A 140 -5.66 -3.32 31.58
N ALA A 141 -5.18 -3.00 32.76
CA ALA A 141 -5.59 -1.76 33.45
C ALA A 141 -4.73 -0.62 32.90
N SER A 142 -3.44 -0.87 32.69
CA SER A 142 -2.48 0.21 32.40
C SER A 142 -1.37 -0.33 31.51
N TRP A 143 -0.57 0.56 30.94
CA TRP A 143 0.59 0.17 30.11
C TRP A 143 1.58 -0.58 30.98
N GLN A 144 1.82 -0.07 32.22
CA GLN A 144 2.76 -0.75 33.15
C GLN A 144 2.29 -2.21 33.38
N GLY A 145 1.02 -2.42 33.67
CA GLY A 145 0.45 -3.75 33.89
C GLY A 145 0.52 -4.61 32.65
N PHE A 146 0.34 -3.99 31.48
CA PHE A 146 0.32 -4.69 30.18
C PHE A 146 1.70 -5.29 29.92
N GLU A 147 2.72 -4.46 30.00
CA GLU A 147 4.13 -4.91 29.84
C GLU A 147 4.52 -5.89 30.95
N ALA A 148 4.12 -5.67 32.21
CA ALA A 148 4.49 -6.62 33.29
C ALA A 148 3.83 -7.98 33.00
N GLY A 149 2.57 -8.00 32.53
CA GLY A 149 1.89 -9.23 32.13
C GLY A 149 2.64 -9.93 30.98
N LEU A 150 3.10 -9.19 29.97
CA LEU A 150 3.81 -9.82 28.83
C LEU A 150 5.14 -10.41 29.35
N ALA A 151 5.82 -9.74 30.28
CA ALA A 151 7.09 -10.26 30.86
C ALA A 151 6.78 -11.59 31.57
N ARG A 152 5.68 -11.68 32.31
CA ARG A 152 5.29 -12.92 33.02
C ARG A 152 4.92 -13.99 31.98
N LEU A 153 4.21 -13.62 30.90
CA LEU A 153 3.87 -14.58 29.82
C LEU A 153 5.12 -15.10 29.11
N LYS A 154 6.14 -14.26 28.88
CA LYS A 154 7.39 -14.68 28.23
C LYS A 154 8.14 -15.71 29.11
N ALA A 155 8.12 -15.48 30.42
CA ALA A 155 8.89 -16.32 31.38
C ALA A 155 8.14 -17.64 31.63
N SER A 156 6.84 -17.68 31.44
CA SER A 156 6.00 -18.87 31.75
C SER A 156 6.54 -20.08 30.99
N SER A 157 6.49 -21.25 31.62
CA SER A 157 6.80 -22.57 31.02
C SER A 157 5.55 -23.20 30.38
N PHE A 158 4.38 -22.57 30.47
CA PHE A 158 3.11 -23.17 29.99
C PHE A 158 3.23 -23.54 28.51
N ARG A 159 2.63 -24.67 28.14
CA ARG A 159 2.56 -25.15 26.74
C ARG A 159 1.09 -25.33 26.32
N ASP A 160 0.74 -24.94 25.10
CA ASP A 160 -0.59 -25.22 24.54
C ASP A 160 -0.82 -26.73 24.51
N PRO A 161 -1.98 -27.23 24.99
CA PRO A 161 -2.31 -28.66 24.98
C PRO A 161 -2.23 -29.30 23.59
N GLU A 162 -2.51 -28.54 22.53
CA GLU A 162 -2.56 -29.07 21.14
C GLU A 162 -1.23 -28.86 20.44
N THR A 163 -0.63 -27.68 20.54
CA THR A 163 0.66 -27.43 19.83
C THR A 163 1.81 -28.08 20.61
N LYS A 164 1.59 -28.33 21.92
CA LYS A 164 2.60 -28.81 22.88
C LYS A 164 3.81 -27.87 22.95
N ALA A 165 3.67 -26.64 22.48
CA ALA A 165 4.72 -25.62 22.48
C ALA A 165 4.28 -24.40 23.30
N PRO A 166 5.26 -23.56 23.73
CA PRO A 166 4.95 -22.30 24.41
C PRO A 166 4.10 -21.38 23.51
N LEU A 167 3.44 -20.41 24.10
CA LEU A 167 2.68 -19.37 23.36
C LEU A 167 3.58 -18.12 23.29
N ALA A 168 3.56 -17.44 22.17
CA ALA A 168 4.11 -16.07 22.16
C ALA A 168 3.22 -15.21 23.07
N PRO A 169 3.78 -14.24 23.83
CA PRO A 169 2.96 -13.43 24.70
C PRO A 169 1.95 -12.58 23.91
N LEU A 170 2.39 -11.93 22.82
CA LEU A 170 1.52 -11.01 22.05
C LEU A 170 1.80 -11.23 20.57
N CYS A 171 0.77 -11.36 19.77
CA CYS A 171 0.89 -11.35 18.29
C CYS A 171 0.28 -10.03 17.80
N THR A 172 0.94 -9.42 16.81
CA THR A 172 0.42 -8.22 16.09
C THR A 172 0.97 -8.26 14.68
N PRO A 173 0.10 -8.02 13.67
CA PRO A 173 0.47 -8.24 12.28
C PRO A 173 1.43 -7.12 11.90
N GLY A 174 2.61 -7.48 11.44
CA GLY A 174 3.58 -6.44 11.04
C GLY A 174 3.51 -6.21 9.54
N ARG A 175 2.81 -7.08 8.79
CA ARG A 175 2.71 -6.90 7.30
C ARG A 175 1.24 -6.63 6.87
N THR A 176 0.80 -5.37 7.06
CA THR A 176 -0.59 -4.90 6.74
C THR A 176 -0.60 -3.41 6.40
N PRO A 177 -1.37 -3.07 5.35
CA PRO A 177 -1.73 -1.70 5.05
C PRO A 177 -2.60 -1.03 6.12
N ARG A 178 -3.10 -1.79 7.08
CA ARG A 178 -3.98 -1.26 8.18
C ARG A 178 -3.17 -1.21 9.48
N THR A 179 -1.86 -1.10 9.36
CA THR A 179 -0.94 -1.10 10.51
C THR A 179 -1.21 0.15 11.39
N LEU A 180 -1.67 1.25 10.81
CA LEU A 180 -1.86 2.50 11.60
C LEU A 180 -2.97 2.27 12.65
N HIS A 181 -4.00 1.48 12.33
CA HIS A 181 -5.12 1.25 13.29
C HIS A 181 -4.58 0.53 14.54
N ASN A 182 -3.55 -0.32 14.40
CA ASN A 182 -2.96 -1.05 15.56
C ASN A 182 -2.09 -0.10 16.40
N ALA A 183 -1.52 0.92 15.79
CA ALA A 183 -0.64 1.88 16.49
C ALA A 183 -1.50 2.93 17.19
N ALA A 184 -2.64 3.31 16.60
CA ALA A 184 -3.42 4.50 16.97
C ALA A 184 -3.73 4.54 18.48
N PRO A 185 -4.22 3.48 19.14
CA PRO A 185 -4.50 3.56 20.58
C PRO A 185 -3.25 3.84 21.45
N TRP A 186 -2.04 3.44 21.03
CA TRP A 186 -0.80 3.72 21.77
C TRP A 186 -0.45 5.20 21.61
N ILE A 187 -0.49 5.69 20.37
CA ILE A 187 -0.27 7.14 20.08
C ILE A 187 -1.22 7.94 20.98
N TRP A 188 -2.51 7.59 20.93
CA TRP A 188 -3.56 8.33 21.64
C TRP A 188 -3.38 8.20 23.16
N GLY A 189 -3.13 7.01 23.69
CA GLY A 189 -3.01 6.81 25.14
C GLY A 189 -1.83 7.58 25.79
N ALA A 190 -0.84 7.96 25.00
CA ALA A 190 0.32 8.74 25.43
C ALA A 190 0.02 10.23 25.34
N GLY A 191 -1.16 10.61 24.84
CA GLY A 191 -1.55 12.02 24.70
C GLY A 191 -1.24 12.54 23.32
N GLY A 192 -0.92 11.65 22.39
CA GLY A 192 -0.55 12.04 21.03
C GLY A 192 -1.70 11.99 20.06
N GLU A 193 -1.37 12.21 18.79
CA GLU A 193 -2.36 12.19 17.69
C GLU A 193 -1.60 11.95 16.39
N ILE A 194 -2.33 11.49 15.38
CA ILE A 194 -1.71 11.24 14.06
C ILE A 194 -1.63 12.60 13.33
N VAL A 195 -2.73 13.36 13.35
CA VAL A 195 -2.83 14.78 12.89
C VAL A 195 -3.38 15.65 14.02
N ARG A 196 -3.03 16.93 14.00
CA ARG A 196 -3.55 17.93 14.96
C ARG A 196 -3.72 19.25 14.17
N GLN A 197 -4.73 20.05 14.55
CA GLN A 197 -4.78 21.46 14.08
C GLN A 197 -3.71 22.23 14.84
N ALA A 198 -2.66 22.63 14.13
CA ALA A 198 -1.56 23.47 14.66
C ALA A 198 -1.57 24.75 13.83
N GLY A 199 -1.54 25.90 14.53
CA GLY A 199 -1.86 27.22 13.95
C GLY A 199 -3.03 27.14 12.98
N GLY A 200 -4.12 26.45 13.35
CA GLY A 200 -5.45 26.54 12.69
C GLY A 200 -5.65 25.58 11.53
N ARG A 201 -4.56 25.01 11.00
CA ARG A 201 -4.59 24.05 9.85
C ARG A 201 -4.13 22.66 10.32
N TRP A 202 -4.49 21.62 9.56
CA TRP A 202 -4.17 20.23 10.00
C TRP A 202 -2.74 19.91 9.61
N GLN A 203 -1.97 19.35 10.53
CA GLN A 203 -0.59 18.89 10.27
C GLN A 203 -0.38 17.53 10.95
N SER A 204 0.70 16.86 10.57
CA SER A 204 1.16 15.61 11.22
C SER A 204 1.50 15.93 12.66
N ALA A 205 1.13 15.03 13.59
CA ALA A 205 1.63 15.02 14.99
C ALA A 205 2.31 13.69 15.29
N LEU A 206 2.69 12.94 14.26
CA LEU A 206 3.37 11.63 14.43
C LEU A 206 4.74 11.78 15.06
N ASN A 207 5.37 12.95 14.91
CA ASN A 207 6.73 13.22 15.43
C ASN A 207 6.65 14.07 16.69
N SER A 208 5.46 14.24 17.27
CA SER A 208 5.31 14.96 18.55
C SER A 208 5.93 14.07 19.64
N PRO A 209 6.38 14.67 20.75
CA PRO A 209 6.91 13.88 21.86
C PRO A 209 5.95 12.76 22.31
N GLU A 210 4.67 13.07 22.45
CA GLU A 210 3.65 12.12 22.95
C GLU A 210 3.46 11.01 21.92
N SER A 211 3.30 11.36 20.64
CA SER A 211 3.13 10.32 19.59
C SER A 211 4.33 9.38 19.64
N LEU A 212 5.54 9.94 19.75
CA LEU A 212 6.77 9.09 19.73
C LEU A 212 6.83 8.22 21.00
N GLU A 213 6.40 8.75 22.14
CA GLU A 213 6.37 7.94 23.39
C GLU A 213 5.44 6.71 23.21
N GLY A 214 4.24 6.92 22.69
CA GLY A 214 3.28 5.84 22.49
C GLY A 214 3.78 4.81 21.49
N LEU A 215 4.21 5.27 20.33
CA LEU A 215 4.68 4.34 19.27
C LEU A 215 5.88 3.54 19.79
N TYR A 216 6.85 4.16 20.49
CA TYR A 216 8.04 3.43 20.97
C TYR A 216 7.56 2.39 22.00
N PHE A 217 6.63 2.76 22.88
CA PHE A 217 6.15 1.83 23.92
C PHE A 217 5.64 0.55 23.25
N PHE A 218 4.78 0.68 22.27
CA PHE A 218 4.19 -0.47 21.53
C PHE A 218 5.26 -1.21 20.73
N LEU A 219 5.97 -0.53 19.85
CA LEU A 219 6.91 -1.22 18.93
C LEU A 219 8.02 -1.88 19.75
N SER A 220 8.46 -1.29 20.85
CA SER A 220 9.54 -1.85 21.68
C SER A 220 9.14 -3.16 22.38
N LEU A 221 7.84 -3.44 22.54
CA LEU A 221 7.38 -4.75 23.09
C LEU A 221 7.85 -5.89 22.18
N ALA A 222 7.85 -5.73 20.85
CA ALA A 222 8.39 -6.76 19.93
C ALA A 222 9.89 -6.95 20.15
N GLN A 223 10.63 -5.86 20.25
CA GLN A 223 12.11 -5.89 20.40
C GLN A 223 12.46 -6.57 21.73
N LYS A 224 11.59 -6.51 22.73
CA LYS A 224 11.85 -7.11 24.05
C LYS A 224 11.57 -8.63 24.01
N GLY A 225 11.13 -9.20 22.88
CA GLY A 225 10.88 -10.65 22.78
C GLY A 225 9.42 -11.00 23.05
N TYR A 226 8.53 -10.01 23.22
CA TYR A 226 7.12 -10.30 23.55
C TYR A 226 6.31 -10.63 22.28
N VAL A 227 6.79 -10.28 21.09
CA VAL A 227 6.10 -10.59 19.80
C VAL A 227 7.08 -11.38 18.95
N PRO A 228 6.68 -12.53 18.37
CA PRO A 228 7.61 -13.32 17.55
C PRO A 228 7.95 -12.62 16.23
N ALA A 229 9.19 -12.89 15.77
CA ALA A 229 9.71 -12.51 14.44
C ALA A 229 8.66 -12.75 13.35
N GLU A 230 8.06 -13.94 13.33
CA GLU A 230 7.18 -14.39 12.22
C GLU A 230 5.91 -13.50 12.19
N SER A 231 5.45 -12.94 13.32
CA SER A 231 4.23 -12.09 13.29
C SER A 231 4.50 -10.83 12.47
N LEU A 232 5.73 -10.35 12.46
CA LEU A 232 5.98 -9.04 11.82
C LEU A 232 5.94 -9.23 10.29
N GLU A 233 5.89 -10.47 9.80
CA GLU A 233 5.74 -10.82 8.35
C GLU A 233 4.31 -11.26 8.01
N LYS A 234 3.37 -11.08 8.92
CA LYS A 234 1.99 -11.62 8.70
C LYS A 234 0.92 -10.53 8.59
N ASN A 235 -0.21 -10.87 7.96
CA ASN A 235 -1.33 -9.92 7.80
C ASN A 235 -2.36 -10.22 8.91
N THR A 236 -3.45 -9.47 8.94
CA THR A 236 -4.47 -9.51 10.01
C THR A 236 -5.06 -10.93 10.08
N ALA A 237 -5.43 -11.56 8.97
CA ALA A 237 -6.08 -12.88 8.95
C ALA A 237 -5.12 -13.95 9.47
N GLN A 238 -3.84 -13.84 9.13
CA GLN A 238 -2.80 -14.84 9.49
C GLN A 238 -2.59 -14.76 11.02
N ILE A 239 -2.67 -13.58 11.61
CA ILE A 239 -2.55 -13.47 13.10
C ILE A 239 -3.79 -14.05 13.80
N GLU A 240 -5.01 -13.77 13.31
CA GLU A 240 -6.23 -14.44 13.82
C GLU A 240 -5.98 -15.95 13.79
N ALA A 241 -5.45 -16.46 12.68
CA ALA A 241 -5.27 -17.93 12.50
C ALA A 241 -4.28 -18.47 13.54
N ASP A 242 -3.23 -17.72 13.79
CA ASP A 242 -2.20 -18.05 14.81
C ASP A 242 -2.81 -18.05 16.21
N PHE A 243 -3.62 -17.07 16.56
CA PHE A 243 -4.34 -17.14 17.85
C PHE A 243 -5.25 -18.38 17.91
N GLN A 244 -6.06 -18.63 16.88
CA GLN A 244 -6.97 -19.81 16.86
C GLN A 244 -6.14 -21.08 17.07
N ALA A 245 -4.91 -21.11 16.53
CA ALA A 245 -4.09 -22.32 16.48
C ALA A 245 -3.21 -22.41 17.73
N GLY A 246 -3.40 -21.54 18.72
CA GLY A 246 -2.73 -21.69 20.02
C GLY A 246 -1.31 -21.16 20.05
N LYS A 247 -0.95 -20.21 19.16
CA LYS A 247 0.44 -19.74 19.02
C LYS A 247 0.67 -18.43 19.82
N CYS A 248 -0.38 -17.77 20.31
CA CYS A 248 -0.37 -16.37 20.84
C CYS A 248 -1.20 -16.41 22.11
N ALA A 249 -0.72 -15.83 23.21
CA ALA A 249 -1.52 -15.69 24.45
C ALA A 249 -2.50 -14.49 24.37
N VAL A 250 -2.11 -13.44 23.65
CA VAL A 250 -2.87 -12.18 23.56
C VAL A 250 -2.83 -11.66 22.12
N PHE A 251 -3.96 -11.17 21.61
CA PHE A 251 -3.96 -10.40 20.35
C PHE A 251 -5.20 -9.50 20.29
N ALA A 252 -5.11 -8.42 19.50
CA ALA A 252 -6.16 -7.41 19.35
C ALA A 252 -7.02 -7.79 18.16
N SER A 253 -8.34 -7.78 18.32
CA SER A 253 -9.25 -8.06 17.19
C SER A 253 -10.62 -7.43 17.51
N GLY A 254 -11.55 -7.65 16.59
CA GLY A 254 -12.90 -7.15 16.72
C GLY A 254 -13.81 -8.22 17.27
N PRO A 255 -15.12 -7.89 17.37
CA PRO A 255 -16.10 -8.77 17.95
C PRO A 255 -16.38 -10.08 17.25
N TRP A 256 -16.02 -10.17 15.98
CA TRP A 256 -16.31 -11.35 15.11
C TRP A 256 -15.65 -12.63 15.65
N MET A 257 -14.56 -12.53 16.46
CA MET A 257 -13.82 -13.72 16.98
C MET A 257 -14.71 -14.47 17.96
N ILE A 258 -15.63 -13.78 18.65
CA ILE A 258 -16.53 -14.40 19.66
C ILE A 258 -17.39 -15.44 18.95
N GLN A 259 -18.05 -15.04 17.86
CA GLN A 259 -18.96 -15.91 17.06
CA GLN A 259 -18.98 -16.01 17.23
C GLN A 259 -18.15 -17.08 16.50
N ARG A 260 -17.00 -16.74 15.96
CA ARG A 260 -16.08 -17.75 15.38
C ARG A 260 -15.68 -18.82 16.42
N ALA A 261 -15.49 -18.44 17.69
CA ALA A 261 -15.15 -19.41 18.76
C ALA A 261 -16.31 -20.40 19.02
N GLN A 262 -17.55 -20.07 18.63
CA GLN A 262 -18.78 -20.89 18.88
C GLN A 262 -19.04 -21.87 17.73
N VAL A 263 -18.39 -21.67 16.59
CA VAL A 263 -18.66 -22.40 15.32
C VAL A 263 -17.52 -23.42 15.11
N PRO A 264 -17.81 -24.66 14.66
CA PRO A 264 -16.76 -25.64 14.36
C PRO A 264 -15.86 -25.21 13.20
N GLU A 265 -14.63 -25.69 13.20
CA GLU A 265 -13.65 -25.34 12.14
C GLU A 265 -14.25 -25.61 10.76
N ALA A 266 -15.04 -26.69 10.61
CA ALA A 266 -15.71 -27.06 9.30
C ALA A 266 -16.61 -25.93 8.79
N LYS A 267 -17.12 -25.06 9.67
CA LYS A 267 -17.97 -23.90 9.26
C LYS A 267 -17.14 -22.62 9.32
N GLY A 268 -15.79 -22.71 9.32
CA GLY A 268 -14.86 -21.56 9.39
C GLY A 268 -14.61 -21.00 10.80
N GLY A 269 -15.03 -21.68 11.86
CA GLY A 269 -14.81 -21.25 13.26
C GLY A 269 -13.61 -21.91 13.86
N PHE A 270 -13.51 -21.93 15.18
CA PHE A 270 -12.40 -22.62 15.89
C PHE A 270 -12.90 -23.20 17.21
N ALA A 271 -14.16 -23.64 17.29
CA ALA A 271 -14.78 -24.18 18.53
C ALA A 271 -14.00 -25.36 19.11
N GLU A 272 -13.35 -26.19 18.27
CA GLU A 272 -12.60 -27.39 18.74
C GLU A 272 -11.28 -26.98 19.39
N ARG A 273 -10.77 -25.76 19.17
CA ARG A 273 -9.41 -25.36 19.61
C ARG A 273 -9.39 -24.97 21.10
N THR A 274 -8.26 -25.20 21.76
CA THR A 274 -8.06 -24.76 23.18
C THR A 274 -8.41 -23.29 23.35
N ALA A 275 -8.01 -22.43 22.39
CA ALA A 275 -8.27 -20.97 22.45
C ALA A 275 -9.76 -20.69 22.58
N ALA A 276 -10.63 -21.40 21.85
CA ALA A 276 -12.08 -21.18 21.93
C ALA A 276 -12.62 -21.53 23.34
N LYS A 277 -12.01 -22.49 24.02
CA LYS A 277 -12.45 -23.02 25.35
C LYS A 277 -11.82 -22.22 26.50
N ASN A 278 -10.90 -21.33 26.20
CA ASN A 278 -10.14 -20.56 27.22
C ASN A 278 -10.05 -19.10 26.77
N LEU A 279 -11.19 -18.51 26.42
CA LEU A 279 -11.20 -17.19 25.76
C LEU A 279 -11.63 -16.07 26.71
N GLY A 280 -10.81 -15.01 26.81
CA GLY A 280 -11.11 -13.78 27.54
C GLY A 280 -11.04 -12.59 26.63
N VAL A 281 -11.71 -11.48 27.01
CA VAL A 281 -11.57 -10.20 26.28
C VAL A 281 -11.42 -9.09 27.30
N ALA A 282 -10.58 -8.12 26.98
CA ALA A 282 -10.44 -6.90 27.79
C ALA A 282 -10.25 -5.72 26.88
N PRO A 283 -10.69 -4.52 27.30
CA PRO A 283 -10.37 -3.35 26.50
C PRO A 283 -8.84 -3.09 26.54
N TYR A 284 -8.38 -2.27 25.63
CA TYR A 284 -7.05 -1.69 25.62
C TYR A 284 -6.75 -1.09 26.99
N PRO A 285 -5.50 -1.17 27.45
CA PRO A 285 -5.14 -0.59 28.75
C PRO A 285 -5.13 0.95 28.68
N ALA A 286 -5.24 1.62 29.81
CA ALA A 286 -5.16 3.10 29.87
C ALA A 286 -3.69 3.47 29.71
N GLY A 287 -3.41 4.44 28.85
CA GLY A 287 -2.06 5.03 28.76
C GLY A 287 -1.89 6.13 29.80
N PRO A 288 -0.71 6.78 29.84
CA PRO A 288 -0.53 7.87 30.79
C PRO A 288 -1.50 9.05 30.61
N LYS A 289 -2.02 9.32 29.41
CA LYS A 289 -2.95 10.46 29.18
C LYS A 289 -4.36 9.96 28.84
N GLY A 290 -4.65 8.67 28.93
CA GLY A 290 -6.04 8.19 28.82
C GLY A 290 -6.15 6.84 28.12
N ARG A 291 -7.37 6.32 28.05
CA ARG A 291 -7.73 5.01 27.52
C ARG A 291 -8.56 5.23 26.26
N TYR A 292 -8.14 4.64 25.12
CA TYR A 292 -8.81 4.85 23.81
C TYR A 292 -8.96 3.51 23.08
N THR A 293 -10.10 3.35 22.42
CA THR A 293 -10.44 2.13 21.65
C THR A 293 -10.50 2.59 20.22
N PHE A 294 -9.69 1.99 19.35
CA PHE A 294 -9.80 2.32 17.92
C PHE A 294 -11.19 1.98 17.41
N PHE A 295 -11.82 2.97 16.77
CA PHE A 295 -13.06 2.82 16.00
C PHE A 295 -12.83 3.07 14.50
N GLY A 296 -13.49 2.22 13.72
CA GLY A 296 -13.68 2.34 12.25
C GLY A 296 -15.07 1.85 11.95
N GLY A 297 -15.23 1.24 10.79
CA GLY A 297 -16.51 0.67 10.31
C GLY A 297 -16.90 1.39 9.04
N SER A 298 -18.18 1.30 8.77
CA SER A 298 -18.73 1.76 7.49
C SER A 298 -20.02 2.52 7.73
N ASN A 299 -20.21 3.50 6.86
CA ASN A 299 -21.40 4.36 6.75
C ASN A 299 -22.00 4.17 5.36
N LEU A 300 -23.17 4.75 5.18
CA LEU A 300 -23.90 4.84 3.91
C LEU A 300 -24.09 6.30 3.50
N ALA A 301 -23.92 6.58 2.21
CA ALA A 301 -24.09 7.91 1.63
C ALA A 301 -25.00 7.86 0.38
N LEU A 302 -25.66 8.95 0.15
CA LEU A 302 -26.66 9.17 -0.91
C LEU A 302 -26.04 10.12 -1.93
N PHE A 303 -25.87 9.67 -3.16
CA PHE A 303 -25.34 10.55 -4.21
C PHE A 303 -26.39 11.58 -4.63
N ASN A 304 -25.90 12.79 -4.88
CA ASN A 304 -26.79 13.93 -5.17
C ASN A 304 -27.40 13.79 -6.57
N PHE A 305 -26.98 12.83 -7.39
CA PHE A 305 -27.61 12.57 -8.71
C PHE A 305 -28.68 11.48 -8.61
N SER A 306 -28.92 10.91 -7.43
CA SER A 306 -29.96 9.89 -7.24
C SER A 306 -31.31 10.40 -7.75
N LYS A 307 -32.02 9.56 -8.47
CA LYS A 307 -33.36 9.90 -9.04
C LYS A 307 -34.48 9.66 -8.01
N ASN A 308 -34.18 9.12 -6.85
CA ASN A 308 -35.25 8.94 -5.84
C ASN A 308 -34.62 9.09 -4.45
N LYS A 309 -34.31 10.33 -4.14
CA LYS A 309 -33.76 10.76 -2.84
C LYS A 309 -34.76 10.48 -1.73
N PRO A 310 -36.09 10.75 -1.81
CA PRO A 310 -37.01 10.38 -0.73
C PRO A 310 -37.02 8.90 -0.35
N LEU A 311 -37.11 8.03 -1.34
CA LEU A 311 -37.12 6.58 -1.09
C LEU A 311 -35.73 6.10 -0.58
N ALA A 312 -34.66 6.67 -1.13
CA ALA A 312 -33.29 6.37 -0.70
C ALA A 312 -33.14 6.77 0.77
N LYS A 313 -33.74 7.90 1.16
CA LYS A 313 -33.63 8.31 2.60
C LYS A 313 -34.46 7.38 3.47
N GLU A 314 -35.58 6.83 2.99
CA GLU A 314 -36.36 5.82 3.76
CA GLU A 314 -36.34 5.82 3.78
C GLU A 314 -35.44 4.59 3.94
N LEU A 315 -34.67 4.21 2.91
CA LEU A 315 -33.74 3.04 3.05
C LEU A 315 -32.63 3.36 4.04
N LEU A 316 -32.10 4.58 4.04
CA LEU A 316 -31.06 4.99 5.04
C LEU A 316 -31.63 4.91 6.46
N LYS A 317 -32.87 5.36 6.67
CA LYS A 317 -33.52 5.30 8.00
C LYS A 317 -33.72 3.82 8.38
N TYR A 318 -34.05 2.96 7.43
CA TYR A 318 -34.28 1.54 7.73
C TYR A 318 -32.95 0.89 8.12
N LEU A 319 -31.92 1.06 7.27
CA LEU A 319 -30.59 0.45 7.54
C LEU A 319 -29.93 1.03 8.79
N GLY A 320 -30.16 2.31 9.10
CA GLY A 320 -29.60 2.98 10.29
C GLY A 320 -30.37 2.70 11.57
N GLY A 321 -31.53 2.08 11.47
CA GLY A 321 -32.55 1.95 12.54
C GLY A 321 -32.45 0.66 13.36
N PRO A 322 -33.10 0.60 14.55
CA PRO A 322 -32.90 -0.45 15.53
C PRO A 322 -32.86 -1.89 14.99
N GLU A 323 -33.90 -2.31 14.29
CA GLU A 323 -34.00 -3.77 13.92
C GLU A 323 -32.90 -4.15 12.91
N ALA A 324 -32.72 -3.31 11.88
CA ALA A 324 -31.69 -3.60 10.82
C ALA A 324 -30.30 -3.50 11.43
N GLN A 325 -30.12 -2.65 12.42
CA GLN A 325 -28.80 -2.44 13.07
C GLN A 325 -28.37 -3.74 13.72
N VAL A 326 -29.24 -4.30 14.54
CA VAL A 326 -28.94 -5.55 15.28
C VAL A 326 -28.67 -6.65 14.26
N ARG A 327 -29.58 -6.87 13.34
CA ARG A 327 -29.48 -7.94 12.32
CA ARG A 327 -29.48 -7.95 12.32
C ARG A 327 -28.16 -7.81 11.56
N TYR A 328 -27.81 -6.63 11.07
CA TYR A 328 -26.58 -6.55 10.20
C TYR A 328 -25.31 -6.70 11.05
N ALA A 329 -25.30 -6.23 12.32
CA ALA A 329 -24.19 -6.48 13.25
C ALA A 329 -23.98 -8.00 13.39
N GLN A 330 -25.05 -8.74 13.55
CA GLN A 330 -25.02 -10.23 13.67
CA GLN A 330 -25.00 -10.23 13.67
C GLN A 330 -24.41 -10.78 12.38
N MET A 331 -24.90 -10.38 11.22
CA MET A 331 -24.41 -10.93 9.94
C MET A 331 -22.90 -10.67 9.79
N THR A 332 -22.42 -9.48 10.15
CA THR A 332 -21.06 -9.03 9.80
C THR A 332 -20.09 -9.36 10.94
N GLY A 333 -20.54 -9.66 12.14
CA GLY A 333 -19.64 -9.83 13.32
C GLY A 333 -19.13 -8.48 13.82
N MET A 334 -19.79 -7.38 13.45
CA MET A 334 -19.39 -6.02 13.90
C MET A 334 -20.28 -5.56 15.05
N LEU A 335 -20.11 -4.33 15.54
CA LEU A 335 -21.08 -3.71 16.47
C LEU A 335 -22.04 -2.89 15.67
N PRO A 336 -23.31 -2.73 16.11
CA PRO A 336 -24.16 -1.67 15.58
C PRO A 336 -23.48 -0.30 15.67
N ALA A 337 -23.71 0.56 14.70
CA ALA A 337 -23.32 1.99 14.77
C ALA A 337 -24.31 2.75 15.65
N LEU A 338 -25.55 2.28 15.76
CA LEU A 338 -26.61 2.98 16.50
C LEU A 338 -26.51 2.55 17.97
N ARG A 339 -26.27 3.52 18.87
CA ARG A 339 -25.83 3.27 20.25
C ARG A 339 -26.93 2.51 20.99
N SER A 340 -28.19 2.77 20.68
CA SER A 340 -29.36 2.14 21.35
C SER A 340 -29.31 0.63 21.11
N ALA A 341 -28.75 0.19 19.99
CA ALA A 341 -28.74 -1.24 19.70
C ALA A 341 -27.70 -1.95 20.60
N TRP A 342 -26.76 -1.24 21.21
CA TRP A 342 -25.78 -1.86 22.14
C TRP A 342 -26.50 -2.45 23.37
N SER A 343 -27.79 -2.14 23.62
CA SER A 343 -28.54 -2.69 24.77
CA SER A 343 -28.60 -2.64 24.76
C SER A 343 -29.42 -3.87 24.33
N ASP A 344 -29.39 -4.26 23.06
CA ASP A 344 -30.16 -5.44 22.61
C ASP A 344 -29.71 -6.63 23.42
N PRO A 345 -30.63 -7.52 23.90
CA PRO A 345 -30.20 -8.76 24.55
C PRO A 345 -29.10 -9.51 23.79
N SER A 346 -29.10 -9.53 22.45
CA SER A 346 -28.09 -10.30 21.67
C SER A 346 -26.64 -9.81 21.96
N PHE A 347 -26.43 -8.59 22.50
CA PHE A 347 -25.13 -8.07 23.01
C PHE A 347 -25.05 -8.22 24.53
N GLN A 348 -26.18 -8.09 25.21
CA GLN A 348 -26.21 -7.99 26.69
C GLN A 348 -26.05 -9.38 27.29
N GLN A 349 -26.42 -10.49 26.61
CA GLN A 349 -26.54 -11.81 27.29
C GLN A 349 -25.16 -12.51 27.29
N ASN A 350 -24.24 -12.11 26.39
CA ASN A 350 -22.90 -12.72 26.16
C ASN A 350 -21.87 -11.86 26.87
N PRO A 351 -21.14 -12.37 27.88
CA PRO A 351 -20.22 -11.54 28.66
C PRO A 351 -19.06 -10.93 27.83
N LEU A 352 -18.61 -11.65 26.81
CA LEU A 352 -17.54 -11.20 25.89
C LEU A 352 -18.07 -10.01 25.11
N LEU A 353 -19.32 -10.05 24.62
CA LEU A 353 -19.88 -8.92 23.86
C LEU A 353 -20.13 -7.75 24.82
N ARG A 354 -20.49 -8.00 26.07
CA ARG A 354 -20.65 -6.94 27.11
C ARG A 354 -19.34 -6.21 27.32
N THR A 355 -18.23 -6.92 27.29
CA THR A 355 -16.85 -6.35 27.40
C THR A 355 -16.55 -5.45 26.20
N PHE A 356 -16.91 -5.89 24.97
CA PHE A 356 -16.80 -5.00 23.79
C PHE A 356 -17.58 -3.72 24.00
N ILE A 357 -18.80 -3.81 24.49
CA ILE A 357 -19.58 -2.56 24.66
C ILE A 357 -18.92 -1.67 25.74
N GLN A 358 -18.33 -2.23 26.78
CA GLN A 358 -17.50 -1.44 27.74
C GLN A 358 -16.30 -0.80 27.00
N ALA A 359 -15.65 -1.52 26.10
CA ALA A 359 -14.49 -0.99 25.34
C ALA A 359 -15.01 0.13 24.45
N ALA A 360 -16.23 -0.01 23.91
CA ALA A 360 -16.82 0.99 23.01
C ALA A 360 -16.93 2.36 23.67
N GLN A 361 -17.02 2.45 25.00
CA GLN A 361 -17.20 3.75 25.68
C GLN A 361 -15.95 4.61 25.49
N PHE A 362 -14.80 4.00 25.17
CA PHE A 362 -13.53 4.74 24.96
C PHE A 362 -13.26 4.98 23.47
N GLY A 363 -14.27 4.87 22.64
CA GLY A 363 -14.07 4.86 21.19
C GLY A 363 -13.47 6.16 20.70
N ARG A 364 -12.63 6.06 19.69
CA ARG A 364 -11.97 7.24 19.09
C ARG A 364 -11.70 6.92 17.63
N THR A 365 -11.89 7.90 16.76
CA THR A 365 -11.71 7.75 15.31
C THR A 365 -10.69 8.81 14.89
N TYR A 366 -10.12 8.60 13.70
CA TYR A 366 -9.37 9.65 13.00
C TYR A 366 -10.28 10.85 12.71
N PRO A 367 -9.70 12.05 12.67
CA PRO A 367 -10.38 13.22 12.13
C PRO A 367 -10.82 12.94 10.69
N SER A 368 -11.99 13.41 10.31
CA SER A 368 -12.62 13.08 9.00
CA SER A 368 -12.61 13.07 9.00
C SER A 368 -12.11 14.09 7.96
N LEU A 369 -10.83 14.01 7.62
CA LEU A 369 -10.20 15.02 6.72
C LEU A 369 -10.45 14.64 5.25
N ALA A 370 -10.57 15.64 4.40
CA ALA A 370 -10.60 15.47 2.93
C ALA A 370 -9.32 14.76 2.49
N GLY A 371 -8.18 14.99 3.17
CA GLY A 371 -6.88 14.45 2.76
C GLY A 371 -6.48 13.20 3.49
N TRP A 372 -7.41 12.52 4.20
CA TRP A 372 -7.03 11.47 5.17
C TRP A 372 -6.31 10.35 4.40
N GLY A 373 -6.78 10.04 3.19
CA GLY A 373 -6.24 8.94 2.40
C GLY A 373 -4.72 9.02 2.24
N GLY A 374 -4.22 10.20 1.93
CA GLY A 374 -2.79 10.44 1.70
C GLY A 374 -2.04 10.39 2.99
N VAL A 375 -2.59 10.98 4.05
CA VAL A 375 -2.04 10.93 5.43
C VAL A 375 -1.78 9.47 5.78
N GLU A 376 -2.82 8.63 5.73
CA GLU A 376 -2.69 7.23 6.17
C GLU A 376 -1.67 6.44 5.32
N ASN A 377 -1.71 6.57 4.02
CA ASN A 377 -0.71 5.95 3.09
C ASN A 377 0.71 6.26 3.56
N LEU A 378 0.99 7.55 3.82
CA LEU A 378 2.34 7.98 4.18
C LEU A 378 2.71 7.47 5.57
N ALA A 379 1.76 7.54 6.50
CA ALA A 379 1.98 7.06 7.88
C ALA A 379 2.31 5.57 7.80
N VAL A 380 1.60 4.82 6.96
CA VAL A 380 1.74 3.33 6.90
C VAL A 380 3.13 3.03 6.31
N GLN A 381 3.52 3.77 5.28
CA GLN A 381 4.85 3.54 4.64
C GLN A 381 5.92 3.64 5.71
N HIS A 382 5.93 4.72 6.50
CA HIS A 382 6.99 5.00 7.47
C HIS A 382 6.84 4.08 8.67
N LEU A 383 5.60 3.77 9.10
CA LEU A 383 5.43 2.74 10.17
C LEU A 383 5.95 1.38 9.69
N GLY A 384 5.79 1.06 8.40
CA GLY A 384 6.38 -0.19 7.87
C GLY A 384 7.87 -0.25 8.05
N MET A 385 8.56 0.86 7.79
CA MET A 385 10.02 0.97 7.98
C MET A 385 10.39 0.85 9.45
N ALA A 386 9.56 1.35 10.36
CA ALA A 386 9.80 1.23 11.80
C ALA A 386 9.67 -0.26 12.17
N TRP A 387 8.64 -0.96 11.71
CA TRP A 387 8.49 -2.43 11.99
C TRP A 387 9.67 -3.21 11.45
N ASP A 388 10.21 -2.82 10.29
CA ASP A 388 11.44 -3.40 9.73
C ASP A 388 12.61 -3.25 10.71
N LEU A 389 12.78 -2.09 11.35
CA LEU A 389 13.86 -1.92 12.33
C LEU A 389 13.58 -2.84 13.53
N VAL A 390 12.32 -2.94 13.93
CA VAL A 390 11.97 -3.86 15.08
C VAL A 390 12.51 -5.29 14.82
N ALA A 391 12.29 -5.84 13.62
CA ALA A 391 12.80 -7.17 13.18
C ALA A 391 14.31 -7.31 13.40
N GLN A 392 15.08 -6.24 13.22
CA GLN A 392 16.56 -6.32 13.35
C GLN A 392 16.99 -5.94 14.77
N GLY A 393 16.06 -5.56 15.65
CA GLY A 393 16.38 -5.13 17.02
C GLY A 393 17.09 -3.78 17.02
N ARG A 394 16.83 -2.97 16.00
CA ARG A 394 17.48 -1.67 15.71
C ARG A 394 16.49 -0.51 15.85
N LEU A 395 15.34 -0.71 16.49
CA LEU A 395 14.46 0.45 16.75
C LEU A 395 15.00 1.13 18.02
N THR A 396 15.54 2.33 17.85
CA THR A 396 15.93 3.22 18.96
C THR A 396 14.91 4.35 18.93
N ARG A 397 14.81 5.11 20.02
CA ARG A 397 13.94 6.31 20.08
C ARG A 397 14.38 7.25 18.95
N GLU A 398 15.68 7.42 18.73
CA GLU A 398 16.22 8.30 17.66
C GLU A 398 15.84 7.79 16.27
N ALA A 399 15.94 6.49 15.96
CA ALA A 399 15.62 6.00 14.60
C ALA A 399 14.11 6.15 14.32
N LEU A 400 13.30 5.92 15.35
CA LEU A 400 11.84 6.10 15.25
C LEU A 400 11.56 7.57 14.97
N LYS A 401 12.17 8.44 15.77
CA LYS A 401 11.99 9.90 15.57
C LYS A 401 12.34 10.27 14.12
N ASP A 402 13.45 9.77 13.60
CA ASP A 402 13.90 10.15 12.24
C ASP A 402 12.85 9.70 11.24
N LEU A 403 12.28 8.51 11.42
CA LEU A 403 11.26 7.99 10.47
C LEU A 403 9.99 8.82 10.54
N MET A 404 9.51 9.16 11.74
CA MET A 404 8.27 9.98 11.91
C MET A 404 8.51 11.44 11.50
N ASP A 405 9.75 11.96 11.56
CA ASP A 405 10.10 13.30 11.01
C ASP A 405 9.93 13.27 9.48
N LYS A 406 10.38 12.21 8.83
CA LYS A 406 10.22 12.00 7.38
C LYS A 406 8.74 11.86 7.04
N ALA A 407 7.99 11.07 7.81
CA ALA A 407 6.55 10.90 7.57
C ALA A 407 5.89 12.25 7.67
N SER A 408 6.22 13.07 8.69
CA SER A 408 5.55 14.36 8.97
C SER A 408 5.76 15.36 7.81
N ALA A 409 7.00 15.50 7.30
CA ALA A 409 7.32 16.35 6.13
C ALA A 409 6.43 15.95 4.97
N ALA A 410 6.32 14.65 4.69
CA ALA A 410 5.58 14.15 3.51
C ALA A 410 4.08 14.40 3.76
N ILE A 411 3.57 14.09 4.94
CA ILE A 411 2.15 14.30 5.27
C ILE A 411 1.78 15.80 5.13
N ASN A 412 2.59 16.68 5.66
CA ASN A 412 2.32 18.14 5.63
C ASN A 412 2.24 18.64 4.19
N GLN A 413 3.15 18.19 3.35
CA GLN A 413 3.14 18.45 1.87
C GLN A 413 1.79 17.98 1.28
N ALA A 414 1.35 16.74 1.58
CA ALA A 414 0.10 16.16 1.01
C ALA A 414 -1.10 17.01 1.46
N LEU A 415 -1.14 17.38 2.74
CA LEU A 415 -2.27 18.12 3.36
C LEU A 415 -2.39 19.51 2.69
N ARG A 416 -1.28 20.14 2.35
CA ARG A 416 -1.26 21.50 1.72
C ARG A 416 -1.95 21.43 0.36
N HIS A 417 -1.75 20.31 -0.36
CA HIS A 417 -1.90 20.21 -1.85
C HIS A 417 -3.19 19.48 -2.21
N HIS A 418 -4.06 19.23 -1.25
CA HIS A 418 -5.14 18.26 -1.47
C HIS A 418 -6.06 18.89 -2.54
N HIS A 419 -6.38 18.21 -3.67
CA HIS A 419 -7.06 18.88 -4.83
C HIS A 419 -8.56 19.03 -4.55
N HIS A 420 -9.14 20.22 -4.81
CA HIS A 420 -10.61 20.48 -4.73
C HIS A 420 -11.22 20.85 -6.09
N GLN B 2 -15.79 12.73 -37.86
CA GLN B 2 -15.09 11.57 -37.23
C GLN B 2 -14.14 12.10 -36.15
N LYS B 3 -14.57 11.98 -34.89
CA LYS B 3 -13.78 12.31 -33.69
C LYS B 3 -12.49 11.49 -33.77
N THR B 4 -11.35 12.12 -33.56
CA THR B 4 -10.05 11.41 -33.62
C THR B 4 -9.18 11.99 -32.53
N LEU B 5 -8.33 11.13 -32.01
CA LEU B 5 -7.23 11.46 -31.08
C LEU B 5 -5.94 10.89 -31.67
N GLU B 6 -4.85 11.61 -31.46
CA GLU B 6 -3.48 11.18 -31.80
C GLU B 6 -2.76 10.89 -30.48
N VAL B 7 -2.17 9.71 -30.36
CA VAL B 7 -1.43 9.30 -29.14
C VAL B 7 -0.05 8.77 -29.55
N TRP B 8 1.02 9.29 -28.91
CA TRP B 8 2.40 8.79 -29.10
C TRP B 8 2.75 7.87 -27.93
N ILE B 9 3.29 6.70 -28.21
CA ILE B 9 3.68 5.68 -27.21
C ILE B 9 5.06 5.12 -27.59
N MET B 10 5.70 4.49 -26.62
CA MET B 10 7.00 3.80 -26.75
C MET B 10 6.71 2.33 -26.94
N PRO B 11 7.72 1.49 -27.32
CA PRO B 11 7.49 0.08 -27.56
C PRO B 11 7.30 -0.73 -26.27
N ASN B 12 6.15 -0.57 -25.60
CA ASN B 12 5.90 -1.14 -24.25
C ASN B 12 5.58 -2.63 -24.22
N SER B 13 5.14 -3.21 -25.34
CA SER B 13 4.59 -4.57 -25.39
C SER B 13 5.12 -5.24 -26.66
N PRO B 14 4.92 -6.56 -26.84
CA PRO B 14 5.53 -7.25 -27.96
C PRO B 14 5.04 -6.77 -29.35
N GLN B 15 3.75 -6.41 -29.50
CA GLN B 15 3.22 -5.78 -30.75
C GLN B 15 2.65 -4.43 -30.33
N PRO B 16 3.50 -3.40 -30.21
CA PRO B 16 3.15 -2.19 -29.48
C PRO B 16 1.89 -1.50 -30.01
N ALA B 17 1.81 -1.25 -31.33
CA ALA B 17 0.66 -0.58 -31.95
C ALA B 17 -0.59 -1.46 -31.80
N GLU B 18 -0.49 -2.73 -32.21
CA GLU B 18 -1.68 -3.64 -32.26
C GLU B 18 -2.20 -3.82 -30.82
N ASP B 19 -1.33 -4.00 -29.82
CA ASP B 19 -1.76 -4.15 -28.40
C ASP B 19 -2.46 -2.87 -27.95
N PHE B 20 -1.91 -1.70 -28.29
CA PHE B 20 -2.54 -0.43 -27.88
C PHE B 20 -3.93 -0.28 -28.52
N LYS B 21 -4.02 -0.54 -29.84
CA LYS B 21 -5.34 -0.48 -30.56
C LYS B 21 -6.33 -1.47 -29.95
N ALA B 22 -5.89 -2.67 -29.55
CA ALA B 22 -6.75 -3.62 -28.82
C ALA B 22 -7.22 -3.03 -27.49
N LEU B 23 -6.31 -2.39 -26.78
CA LEU B 23 -6.58 -1.84 -25.43
C LEU B 23 -7.70 -0.81 -25.57
N VAL B 24 -7.65 0.07 -26.57
CA VAL B 24 -8.59 1.22 -26.61
C VAL B 24 -9.84 0.91 -27.46
N ALA B 25 -9.95 -0.25 -28.09
CA ALA B 25 -11.11 -0.57 -28.98
C ALA B 25 -12.45 -0.32 -28.26
N PRO B 26 -12.62 -0.65 -26.96
CA PRO B 26 -13.91 -0.41 -26.29
C PRO B 26 -14.20 1.09 -26.14
N PHE B 27 -13.16 1.90 -25.90
CA PHE B 27 -13.31 3.37 -25.81
C PHE B 27 -13.76 3.91 -27.17
N GLU B 28 -13.09 3.43 -28.23
CA GLU B 28 -13.39 3.83 -29.61
C GLU B 28 -14.89 3.56 -29.93
N LYS B 29 -15.33 2.36 -29.62
CA LYS B 29 -16.72 1.91 -29.93
C LYS B 29 -17.66 2.79 -29.12
N ALA B 30 -17.35 3.02 -27.83
CA ALA B 30 -18.28 3.72 -26.93
C ALA B 30 -18.45 5.18 -27.34
N HIS B 31 -17.43 5.84 -27.85
CA HIS B 31 -17.51 7.28 -28.15
C HIS B 31 -17.46 7.61 -29.65
N GLY B 32 -17.40 6.62 -30.54
CA GLY B 32 -17.25 6.85 -32.00
C GLY B 32 -16.02 7.71 -32.27
N VAL B 33 -14.87 7.30 -31.70
CA VAL B 33 -13.58 8.02 -31.92
C VAL B 33 -12.55 7.04 -32.50
N GLU B 34 -11.70 7.57 -33.34
CA GLU B 34 -10.57 6.81 -33.90
C GLU B 34 -9.34 7.30 -33.15
N VAL B 35 -8.73 6.43 -32.36
CA VAL B 35 -7.44 6.71 -31.67
C VAL B 35 -6.29 6.26 -32.58
N LYS B 36 -5.54 7.22 -33.07
CA LYS B 36 -4.41 7.06 -33.99
C LYS B 36 -3.15 6.99 -33.15
N VAL B 37 -2.49 5.87 -33.21
CA VAL B 37 -1.26 5.62 -32.41
C VAL B 37 -0.02 5.66 -33.28
N THR B 38 1.05 6.24 -32.73
CA THR B 38 2.39 6.29 -33.35
C THR B 38 3.35 5.73 -32.32
N VAL B 39 4.00 4.62 -32.63
CA VAL B 39 5.05 4.04 -31.76
C VAL B 39 6.41 4.65 -32.09
N LEU B 40 7.11 5.08 -31.03
CA LEU B 40 8.46 5.72 -31.12
C LEU B 40 9.41 5.07 -30.14
N ASP B 41 10.56 4.63 -30.64
CA ASP B 41 11.66 4.17 -29.78
C ASP B 41 11.98 5.23 -28.73
N TRP B 42 12.42 4.83 -27.57
CA TRP B 42 12.62 5.77 -26.43
C TRP B 42 13.43 7.04 -26.79
N GLY B 43 14.61 6.91 -27.37
CA GLY B 43 15.46 8.05 -27.75
C GLY B 43 14.81 8.94 -28.81
N VAL B 44 14.17 8.32 -29.83
CA VAL B 44 13.38 9.00 -30.88
C VAL B 44 12.25 9.80 -30.24
N ALA B 45 11.55 9.19 -29.27
CA ALA B 45 10.38 9.81 -28.62
C ALA B 45 10.84 11.08 -27.90
N TRP B 46 11.99 11.05 -27.23
CA TRP B 46 12.45 12.23 -26.47
C TRP B 46 12.61 13.43 -27.42
N THR B 47 13.30 13.24 -28.54
CA THR B 47 13.47 14.29 -29.57
C THR B 47 12.13 14.81 -30.10
N LYS B 48 11.23 13.89 -30.45
CA LYS B 48 9.92 14.25 -31.06
C LYS B 48 9.06 15.00 -30.05
N ILE B 49 9.10 14.59 -28.78
CA ILE B 49 8.28 15.20 -27.72
C ILE B 49 8.78 16.61 -27.40
N THR B 50 10.10 16.77 -27.23
CA THR B 50 10.72 18.12 -27.03
C THR B 50 10.48 19.03 -28.25
N THR B 51 10.56 18.51 -29.46
CA THR B 51 10.21 19.30 -30.67
C THR B 51 8.74 19.70 -30.63
N ALA B 52 7.81 18.82 -30.26
CA ALA B 52 6.37 19.16 -30.21
C ALA B 52 6.17 20.27 -29.17
N ALA B 53 6.84 20.18 -28.02
CA ALA B 53 6.76 21.18 -26.95
C ALA B 53 7.20 22.58 -27.44
N THR B 54 8.31 22.66 -28.15
CA THR B 54 8.85 23.96 -28.63
C THR B 54 8.04 24.46 -29.83
N SER B 55 7.55 23.57 -30.72
CA SER B 55 6.84 23.98 -31.97
C SER B 55 5.34 24.23 -31.73
N GLY B 56 4.77 23.63 -30.69
CA GLY B 56 3.31 23.68 -30.42
C GLY B 56 2.51 22.88 -31.42
N VAL B 57 3.16 21.94 -32.06
CA VAL B 57 2.54 20.99 -33.03
C VAL B 57 2.86 19.57 -32.56
N GLY B 58 1.84 18.80 -32.33
CA GLY B 58 2.09 17.40 -31.95
C GLY B 58 0.82 16.62 -31.75
N PRO B 59 0.86 15.58 -30.89
CA PRO B 59 -0.32 14.75 -30.68
C PRO B 59 -1.22 15.42 -29.66
N ASP B 60 -2.32 14.75 -29.35
CA ASP B 60 -3.16 15.08 -28.18
C ASP B 60 -2.42 14.58 -26.93
N LEU B 61 -2.19 13.28 -26.86
CA LEU B 61 -1.51 12.66 -25.69
C LEU B 61 -0.16 12.12 -26.10
N THR B 62 0.79 12.17 -25.20
CA THR B 62 2.05 11.43 -25.36
C THR B 62 2.31 10.63 -24.06
N GLN B 63 2.85 9.41 -24.22
CA GLN B 63 3.58 8.72 -23.13
C GLN B 63 4.77 9.56 -22.73
N LEU B 64 5.08 9.58 -21.42
CA LEU B 64 6.31 10.15 -20.83
C LEU B 64 6.89 9.10 -19.89
N GLY B 65 8.21 8.83 -19.93
CA GLY B 65 8.86 8.13 -18.79
C GLY B 65 8.56 8.92 -17.53
N THR B 66 8.38 8.28 -16.39
CA THR B 66 8.19 9.04 -15.13
C THR B 66 9.24 10.13 -14.95
N THR B 67 10.49 9.85 -15.28
CA THR B 67 11.64 10.78 -15.07
C THR B 67 11.57 11.96 -16.04
N TRP B 68 10.70 11.95 -17.06
CA TRP B 68 10.57 13.03 -18.07
C TRP B 68 9.51 14.07 -17.66
N VAL B 69 8.64 13.74 -16.71
CA VAL B 69 7.48 14.57 -16.34
C VAL B 69 7.95 15.95 -15.89
N GLY B 70 8.99 16.03 -15.08
CA GLY B 70 9.43 17.34 -14.60
C GLY B 70 9.90 18.25 -15.72
N ALA B 71 10.71 17.74 -16.64
CA ALA B 71 11.30 18.50 -17.74
C ALA B 71 10.19 19.01 -18.66
N ILE B 72 9.25 18.15 -19.07
CA ILE B 72 8.19 18.55 -20.06
C ILE B 72 7.17 19.47 -19.39
N SER B 73 6.79 19.22 -18.13
CA SER B 73 5.96 20.15 -17.31
C SER B 73 6.61 21.53 -17.24
N ALA B 74 7.90 21.63 -16.93
CA ALA B 74 8.63 22.93 -16.75
C ALA B 74 8.58 23.77 -18.03
N MET B 75 8.43 23.15 -19.21
CA MET B 75 8.34 23.94 -20.47
C MET B 75 6.93 24.58 -20.61
N GLY B 76 6.01 24.27 -19.70
CA GLY B 76 4.69 24.93 -19.61
C GLY B 76 3.73 24.43 -20.69
N VAL B 77 3.95 23.26 -21.25
CA VAL B 77 3.22 22.83 -22.47
C VAL B 77 2.14 21.78 -22.11
N LEU B 78 1.99 21.38 -20.83
CA LEU B 78 1.04 20.31 -20.44
C LEU B 78 -0.19 20.89 -19.73
N GLU B 79 -1.32 20.31 -20.09
CA GLU B 79 -2.65 20.62 -19.53
C GLU B 79 -2.72 20.00 -18.14
N PRO B 80 -3.23 20.72 -17.12
CA PRO B 80 -3.47 20.12 -15.82
C PRO B 80 -4.45 18.94 -15.89
N VAL B 81 -4.15 17.90 -15.12
CA VAL B 81 -4.95 16.64 -15.14
C VAL B 81 -5.38 16.30 -13.71
N ASP B 82 -5.48 17.29 -12.83
CA ASP B 82 -6.00 17.06 -11.45
C ASP B 82 -7.40 16.45 -11.47
N ASP B 83 -8.27 16.90 -12.37
CA ASP B 83 -9.64 16.40 -12.55
C ASP B 83 -9.64 14.90 -12.96
N VAL B 84 -8.78 14.51 -13.90
CA VAL B 84 -8.64 13.09 -14.28
C VAL B 84 -8.24 12.30 -13.04
N LEU B 85 -7.23 12.78 -12.32
CA LEU B 85 -6.70 12.02 -11.16
C LEU B 85 -7.75 11.93 -10.05
N GLU B 86 -8.56 12.96 -9.83
CA GLU B 86 -9.62 12.92 -8.80
C GLU B 86 -10.61 11.81 -9.19
N ALA B 87 -10.94 11.67 -10.49
CA ALA B 87 -11.88 10.65 -10.98
C ALA B 87 -11.35 9.25 -10.66
N LEU B 88 -10.04 9.07 -10.80
CA LEU B 88 -9.33 7.77 -10.55
C LEU B 88 -9.12 7.44 -9.07
N GLY B 89 -9.40 8.39 -8.18
CA GLY B 89 -9.38 8.22 -6.71
C GLY B 89 -8.36 9.08 -6.01
N GLY B 90 -7.71 10.02 -6.72
CA GLY B 90 -6.78 10.99 -6.10
C GLY B 90 -5.54 10.31 -5.54
N GLU B 91 -4.92 10.98 -4.56
CA GLU B 91 -3.64 10.55 -3.96
C GLU B 91 -3.79 9.13 -3.34
N LYS B 92 -4.94 8.84 -2.79
CA LYS B 92 -5.25 7.54 -2.16
C LYS B 92 -5.07 6.36 -3.13
N ALA B 93 -5.33 6.53 -4.42
CA ALA B 93 -5.43 5.40 -5.36
C ALA B 93 -4.03 5.05 -5.89
N TYR B 94 -2.96 5.72 -5.45
CA TYR B 94 -1.59 5.49 -5.95
C TYR B 94 -0.62 5.28 -4.80
N LEU B 95 0.42 4.45 -5.00
CA LEU B 95 1.57 4.47 -4.09
C LEU B 95 2.13 5.89 -4.04
N PRO B 96 2.58 6.40 -2.87
CA PRO B 96 3.26 7.72 -2.80
C PRO B 96 4.34 7.93 -3.87
N ALA B 97 5.23 6.98 -4.07
CA ALA B 97 6.29 7.13 -5.11
C ALA B 97 5.65 7.38 -6.48
N VAL B 98 4.53 6.69 -6.80
CA VAL B 98 3.83 6.86 -8.09
C VAL B 98 3.20 8.27 -8.15
N TRP B 99 2.56 8.70 -7.08
CA TRP B 99 1.89 10.04 -7.04
C TRP B 99 2.90 11.16 -7.28
N ARG B 100 4.14 11.04 -6.79
CA ARG B 100 5.23 12.02 -6.98
C ARG B 100 5.47 12.27 -8.50
N THR B 101 5.24 11.28 -9.34
CA THR B 101 5.58 11.34 -10.79
C THR B 101 4.42 11.99 -11.55
N THR B 102 3.33 12.45 -10.88
CA THR B 102 2.16 13.13 -11.54
C THR B 102 2.44 14.61 -11.78
N ARG B 103 3.54 15.14 -11.31
CA ARG B 103 3.80 16.60 -11.40
C ARG B 103 5.28 16.91 -11.35
N LEU B 104 5.62 18.15 -11.72
CA LEU B 104 6.97 18.68 -11.43
C LEU B 104 7.10 18.80 -9.91
N GLU B 105 8.28 18.46 -9.39
CA GLU B 105 8.52 18.49 -7.94
C GLU B 105 8.12 19.85 -7.41
N GLY B 106 7.31 19.87 -6.36
CA GLY B 106 6.86 21.11 -5.71
C GLY B 106 5.62 21.71 -6.35
N ALA B 107 5.20 21.34 -7.56
CA ALA B 107 4.08 21.99 -8.28
C ALA B 107 2.74 21.65 -7.60
N ARG B 108 1.75 22.56 -7.66
CA ARG B 108 0.37 22.38 -7.16
C ARG B 108 -0.45 21.53 -8.14
N GLN B 109 -0.24 21.74 -9.45
CA GLN B 109 -1.06 21.10 -10.52
C GLN B 109 -0.36 19.86 -11.11
N ALA B 110 -1.07 18.74 -11.08
CA ALA B 110 -0.69 17.49 -11.78
C ALA B 110 -0.70 17.75 -13.27
N THR B 111 0.31 17.22 -13.97
CA THR B 111 0.45 17.34 -15.45
C THR B 111 0.65 15.96 -16.09
N ALA B 112 0.56 14.87 -15.35
CA ALA B 112 0.70 13.52 -15.92
C ALA B 112 -0.14 12.50 -15.16
N VAL B 113 -0.64 11.54 -15.91
CA VAL B 113 -1.55 10.45 -15.41
C VAL B 113 -0.70 9.19 -15.38
N PRO B 114 -0.57 8.52 -14.24
CA PRO B 114 0.21 7.28 -14.17
C PRO B 114 -0.43 6.18 -15.04
N TRP B 115 0.41 5.56 -15.87
CA TRP B 115 -0.04 4.50 -16.81
C TRP B 115 0.38 3.13 -16.31
N PHE B 116 1.69 2.89 -16.16
CA PHE B 116 2.16 1.57 -15.68
C PHE B 116 3.46 1.81 -14.90
N SER B 117 3.69 0.94 -13.93
CA SER B 117 4.86 1.02 -13.05
C SER B 117 5.86 -0.06 -13.41
N GLU B 118 7.14 0.37 -13.48
CA GLU B 118 8.29 -0.57 -13.45
C GLU B 118 8.79 -0.61 -12.01
N LEU B 119 8.97 -1.80 -11.45
CA LEU B 119 9.61 -1.90 -10.11
C LEU B 119 10.53 -3.11 -10.14
N ARG B 120 11.48 -3.16 -9.20
CA ARG B 120 12.52 -4.22 -9.18
C ARG B 120 12.44 -4.98 -7.85
N ALA B 121 12.47 -6.28 -8.00
CA ALA B 121 12.67 -7.23 -6.87
C ALA B 121 13.72 -8.28 -7.26
N PHE B 122 14.12 -9.14 -6.30
CA PHE B 122 15.11 -10.22 -6.54
C PHE B 122 14.36 -11.48 -6.94
N TYR B 123 14.71 -11.98 -8.10
CA TYR B 123 14.48 -13.38 -8.48
C TYR B 123 15.60 -14.25 -7.94
N TYR B 124 15.25 -15.45 -7.48
CA TYR B 124 16.26 -16.39 -6.95
C TYR B 124 15.91 -17.82 -7.35
N ARG B 125 16.95 -18.63 -7.41
CA ARG B 125 16.83 -20.10 -7.69
C ARG B 125 16.53 -20.78 -6.35
N THR B 126 15.28 -21.25 -6.14
CA THR B 126 14.89 -21.97 -4.89
C THR B 126 15.81 -23.19 -4.69
N ASP B 127 16.21 -23.86 -5.77
CA ASP B 127 17.07 -25.06 -5.72
C ASP B 127 18.47 -24.69 -5.25
N ALA B 128 19.04 -23.61 -5.79
CA ALA B 128 20.41 -23.16 -5.47
C ALA B 128 20.49 -22.69 -4.02
N LEU B 129 19.53 -21.89 -3.58
CA LEU B 129 19.56 -21.48 -2.15
C LEU B 129 19.46 -22.70 -1.21
N LYS B 130 18.54 -23.61 -1.49
CA LYS B 130 18.41 -24.85 -0.66
C LYS B 130 19.77 -25.58 -0.63
N ALA B 131 20.40 -25.82 -1.78
CA ALA B 131 21.73 -26.47 -1.87
C ALA B 131 22.81 -25.76 -1.04
N ALA B 132 22.77 -24.43 -0.94
CA ALA B 132 23.77 -23.58 -0.26
C ALA B 132 23.47 -23.46 1.23
N GLY B 133 22.33 -23.97 1.69
CA GLY B 133 21.85 -23.86 3.07
C GLY B 133 21.43 -22.45 3.37
N VAL B 134 20.83 -21.78 2.36
CA VAL B 134 20.42 -20.35 2.48
C VAL B 134 18.90 -20.27 2.51
N ASN B 135 18.37 -19.69 3.59
CA ASN B 135 16.94 -19.41 3.83
C ASN B 135 16.61 -18.10 3.14
N PRO B 136 15.79 -18.08 2.07
CA PRO B 136 15.56 -16.83 1.33
C PRO B 136 14.96 -15.72 2.19
N ALA B 137 14.09 -16.07 3.15
CA ALA B 137 13.49 -15.11 4.10
C ALA B 137 14.63 -14.37 4.78
N GLU B 138 15.69 -15.07 5.16
CA GLU B 138 16.82 -14.46 5.88
C GLU B 138 17.75 -13.73 4.90
N MET B 139 17.99 -14.28 3.72
CA MET B 139 18.95 -13.68 2.75
C MET B 139 18.42 -12.31 2.26
N PHE B 140 17.12 -12.18 2.00
CA PHE B 140 16.61 -10.89 1.50
C PHE B 140 16.01 -10.05 2.63
N ALA B 141 16.26 -10.31 3.91
CA ALA B 141 15.70 -9.46 4.97
C ALA B 141 16.56 -8.21 5.12
N SER B 142 17.88 -8.36 5.04
CA SER B 142 18.82 -7.30 5.43
C SER B 142 20.07 -7.39 4.57
N TRP B 143 20.87 -6.33 4.52
CA TRP B 143 22.18 -6.35 3.84
C TRP B 143 23.05 -7.43 4.42
N GLN B 144 23.06 -7.59 5.74
CA GLN B 144 23.81 -8.67 6.39
C GLN B 144 23.38 -10.04 5.86
N GLY B 145 22.09 -10.37 5.84
CA GLY B 145 21.61 -11.66 5.31
C GLY B 145 21.94 -11.81 3.83
N PHE B 146 21.92 -10.69 3.12
CA PHE B 146 22.13 -10.74 1.64
C PHE B 146 23.59 -11.11 1.38
N GLU B 147 24.51 -10.42 2.03
CA GLU B 147 25.97 -10.72 1.86
C GLU B 147 26.26 -12.12 2.38
N ALA B 148 25.74 -12.49 3.53
CA ALA B 148 25.97 -13.85 4.09
C ALA B 148 25.47 -14.90 3.12
N GLY B 149 24.25 -14.72 2.57
CA GLY B 149 23.74 -15.68 1.57
C GLY B 149 24.62 -15.74 0.34
N LEU B 150 25.15 -14.62 -0.16
CA LEU B 150 25.99 -14.66 -1.37
C LEU B 150 27.29 -15.44 -1.03
N ALA B 151 27.84 -15.25 0.17
CA ALA B 151 29.08 -15.94 0.58
C ALA B 151 28.80 -17.46 0.58
N ARG B 152 27.63 -17.91 1.06
CA ARG B 152 27.28 -19.34 1.09
C ARG B 152 27.06 -19.83 -0.34
N LEU B 153 26.41 -19.04 -1.19
CA LEU B 153 26.22 -19.39 -2.63
C LEU B 153 27.56 -19.50 -3.38
N LYS B 154 28.55 -18.67 -3.07
CA LYS B 154 29.88 -18.72 -3.77
C LYS B 154 30.62 -20.00 -3.36
N ALA B 155 30.50 -20.40 -2.10
CA ALA B 155 31.20 -21.57 -1.50
C ALA B 155 30.51 -22.88 -1.92
N SER B 156 29.25 -22.82 -2.30
CA SER B 156 28.40 -23.99 -2.64
C SER B 156 29.07 -24.79 -3.74
N SER B 157 28.95 -26.12 -3.63
CA SER B 157 29.41 -27.10 -4.64
C SER B 157 28.36 -27.34 -5.72
N PHE B 158 27.12 -26.82 -5.56
CA PHE B 158 25.96 -27.02 -6.46
C PHE B 158 26.28 -26.59 -7.91
N ARG B 159 25.72 -27.36 -8.84
CA ARG B 159 25.83 -27.21 -10.31
C ARG B 159 24.41 -27.22 -10.91
N ASP B 160 24.13 -26.44 -11.96
CA ASP B 160 22.79 -26.45 -12.61
C ASP B 160 22.56 -27.81 -13.26
N PRO B 161 21.39 -28.46 -13.10
CA PRO B 161 21.11 -29.78 -13.67
C PRO B 161 21.17 -29.85 -15.21
N GLU B 162 20.86 -28.74 -15.90
CA GLU B 162 20.89 -28.64 -17.39
C GLU B 162 22.29 -28.21 -17.86
N THR B 163 22.93 -27.22 -17.23
CA THR B 163 24.28 -26.77 -17.67
C THR B 163 25.42 -27.60 -17.06
N LYS B 164 25.24 -28.19 -15.88
CA LYS B 164 26.33 -28.90 -15.16
C LYS B 164 27.43 -27.95 -14.68
N ALA B 165 27.25 -26.63 -14.62
CA ALA B 165 28.30 -25.71 -14.09
C ALA B 165 27.83 -24.99 -12.81
N PRO B 166 28.76 -24.36 -12.06
CA PRO B 166 28.39 -23.53 -10.91
C PRO B 166 27.52 -22.34 -11.36
N LEU B 167 26.68 -21.83 -10.46
CA LEU B 167 25.89 -20.61 -10.72
C LEU B 167 26.64 -19.46 -10.09
N ALA B 168 26.64 -18.34 -10.76
CA ALA B 168 27.15 -17.09 -10.19
C ALA B 168 26.19 -16.75 -9.05
N PRO B 169 26.68 -16.31 -7.86
CA PRO B 169 25.77 -15.95 -6.76
C PRO B 169 24.81 -14.84 -7.22
N LEU B 170 25.33 -13.82 -7.89
CA LEU B 170 24.53 -12.63 -8.28
C LEU B 170 24.94 -12.21 -9.68
N CYS B 171 23.98 -11.96 -10.54
CA CYS B 171 24.24 -11.31 -11.85
C CYS B 171 23.67 -9.89 -11.85
N THR B 172 24.43 -8.93 -12.34
CA THR B 172 23.95 -7.52 -12.45
C THR B 172 24.73 -6.89 -13.61
N PRO B 173 24.06 -6.07 -14.44
CA PRO B 173 24.79 -5.27 -15.40
C PRO B 173 25.63 -4.30 -14.52
N GLY B 174 26.77 -3.87 -15.02
CA GLY B 174 27.55 -2.81 -14.32
C GLY B 174 27.42 -1.53 -15.10
N ARG B 175 28.24 -1.40 -16.11
CA ARG B 175 28.07 -0.30 -17.06
C ARG B 175 26.86 -0.64 -17.96
N THR B 176 25.89 0.30 -18.02
CA THR B 176 24.63 0.30 -18.84
C THR B 176 24.07 1.71 -18.68
N PRO B 177 23.35 2.24 -19.69
CA PRO B 177 22.60 3.47 -19.53
C PRO B 177 21.74 3.53 -18.26
N ARG B 178 21.24 2.40 -17.80
CA ARG B 178 20.26 2.33 -16.68
C ARG B 178 20.92 1.91 -15.37
N THR B 179 22.21 2.12 -15.26
CA THR B 179 22.98 1.66 -14.08
C THR B 179 22.49 2.38 -12.81
N LEU B 180 22.01 3.62 -12.91
CA LEU B 180 21.60 4.34 -11.68
C LEU B 180 20.42 3.63 -11.01
N HIS B 181 19.50 3.07 -11.79
CA HIS B 181 18.31 2.40 -11.19
C HIS B 181 18.73 1.19 -10.35
N ASN B 182 19.81 0.50 -10.75
CA ASN B 182 20.29 -0.69 -10.01
C ASN B 182 20.95 -0.26 -8.68
N ALA B 183 21.59 0.91 -8.69
CA ALA B 183 22.37 1.43 -7.56
C ALA B 183 21.41 2.09 -6.56
N ALA B 184 20.28 2.66 -7.04
CA ALA B 184 19.43 3.56 -6.24
C ALA B 184 18.95 2.92 -4.94
N PRO B 185 18.46 1.66 -4.90
CA PRO B 185 18.03 1.07 -3.64
C PRO B 185 19.15 0.92 -2.59
N TRP B 186 20.40 0.78 -3.02
CA TRP B 186 21.55 0.65 -2.09
C TRP B 186 21.87 2.01 -1.52
N ILE B 187 21.95 3.02 -2.35
CA ILE B 187 22.12 4.43 -1.92
C ILE B 187 21.06 4.74 -0.87
N TRP B 188 19.78 4.52 -1.23
CA TRP B 188 18.63 4.86 -0.42
C TRP B 188 18.67 4.03 0.88
N GLY B 189 18.93 2.72 0.82
CA GLY B 189 18.91 1.87 2.02
C GLY B 189 19.97 2.23 3.08
N ALA B 190 21.01 2.95 2.68
CA ALA B 190 22.12 3.42 3.51
C ALA B 190 21.76 4.77 4.07
N GLY B 191 20.62 5.34 3.68
CA GLY B 191 20.20 6.66 4.16
C GLY B 191 20.69 7.76 3.27
N GLY B 192 21.08 7.43 2.05
CA GLY B 192 21.57 8.38 1.08
C GLY B 192 20.49 8.79 0.11
N GLU B 193 20.89 9.59 -0.87
CA GLU B 193 20.03 10.04 -1.97
C GLU B 193 20.92 10.50 -3.13
N ILE B 194 20.34 10.64 -4.31
CA ILE B 194 21.10 11.05 -5.50
C ILE B 194 21.20 12.57 -5.43
N VAL B 195 20.08 13.25 -5.19
CA VAL B 195 19.96 14.73 -5.01
C VAL B 195 19.16 14.99 -3.73
N ARG B 196 19.34 16.17 -3.15
CA ARG B 196 18.63 16.59 -1.91
C ARG B 196 18.38 18.09 -2.03
N GLN B 197 17.26 18.56 -1.46
CA GLN B 197 16.82 19.97 -1.48
C GLN B 197 17.26 20.58 -0.14
N ALA B 198 18.04 21.65 -0.19
CA ALA B 198 18.58 22.41 0.96
C ALA B 198 18.27 23.87 0.65
N GLY B 199 17.79 24.62 1.64
CA GLY B 199 16.83 25.71 1.38
C GLY B 199 15.89 25.30 0.26
N GLY B 200 15.85 26.04 -0.84
CA GLY B 200 15.06 25.68 -2.03
C GLY B 200 15.98 25.29 -3.16
N ARG B 201 17.18 24.79 -2.84
CA ARG B 201 18.25 24.46 -3.80
C ARG B 201 18.39 22.93 -3.84
N TRP B 202 18.33 22.32 -5.02
CA TRP B 202 18.63 20.88 -5.15
C TRP B 202 20.14 20.75 -5.33
N GLN B 203 20.79 19.77 -4.71
CA GLN B 203 22.20 19.44 -5.02
C GLN B 203 22.44 17.96 -4.90
N SER B 204 23.55 17.50 -5.50
CA SER B 204 24.03 16.11 -5.41
C SER B 204 24.19 15.72 -3.93
N ALA B 205 23.79 14.50 -3.60
CA ALA B 205 24.15 13.78 -2.36
C ALA B 205 24.86 12.48 -2.71
N LEU B 206 25.34 12.30 -3.95
CA LEU B 206 26.05 11.08 -4.34
C LEU B 206 27.35 10.91 -3.57
N ASN B 207 27.94 12.01 -3.07
CA ASN B 207 29.21 11.98 -2.32
C ASN B 207 28.97 12.13 -0.83
N SER B 208 27.75 11.94 -0.34
CA SER B 208 27.49 11.88 1.12
C SER B 208 28.06 10.58 1.65
N PRO B 209 28.42 10.54 2.94
CA PRO B 209 28.84 9.30 3.57
C PRO B 209 27.86 8.14 3.37
N GLU B 210 26.55 8.39 3.47
CA GLU B 210 25.49 7.36 3.37
C GLU B 210 25.46 6.86 1.93
N SER B 211 25.46 7.77 0.96
CA SER B 211 25.43 7.36 -0.47
C SER B 211 26.67 6.52 -0.78
N LEU B 212 27.83 6.91 -0.28
CA LEU B 212 29.09 6.21 -0.59
C LEU B 212 29.07 4.85 0.12
N GLU B 213 28.49 4.76 1.30
CA GLU B 213 28.39 3.44 2.00
C GLU B 213 27.57 2.48 1.16
N GLY B 214 26.41 2.92 0.71
CA GLY B 214 25.52 2.09 -0.12
C GLY B 214 26.14 1.70 -1.44
N LEU B 215 26.69 2.64 -2.18
CA LEU B 215 27.34 2.37 -3.47
C LEU B 215 28.46 1.36 -3.28
N TYR B 216 29.33 1.58 -2.30
CA TYR B 216 30.48 0.67 -2.13
C TYR B 216 29.96 -0.72 -1.72
N PHE B 217 28.94 -0.76 -0.89
CA PHE B 217 28.35 -2.06 -0.45
C PHE B 217 27.97 -2.89 -1.70
N PHE B 218 27.25 -2.29 -2.63
CA PHE B 218 26.77 -2.96 -3.86
C PHE B 218 27.93 -3.25 -4.80
N LEU B 219 28.73 -2.24 -5.16
CA LEU B 219 29.77 -2.43 -6.18
C LEU B 219 30.86 -3.39 -5.65
N SER B 220 31.15 -3.41 -4.36
CA SER B 220 32.19 -4.32 -3.83
C SER B 220 31.74 -5.79 -3.90
N LEU B 221 30.43 -6.09 -4.03
CA LEU B 221 29.97 -7.50 -4.14
C LEU B 221 30.59 -8.17 -5.38
N ALA B 222 30.79 -7.45 -6.49
CA ALA B 222 31.51 -8.00 -7.67
C ALA B 222 32.97 -8.28 -7.30
N GLN B 223 33.65 -7.34 -6.66
CA GLN B 223 35.08 -7.48 -6.33
C GLN B 223 35.29 -8.64 -5.35
N LYS B 224 34.29 -8.94 -4.52
CA LYS B 224 34.38 -10.04 -3.56
C LYS B 224 34.14 -11.39 -4.25
N GLY B 225 33.80 -11.45 -5.54
CA GLY B 225 33.68 -12.73 -6.26
C GLY B 225 32.23 -13.16 -6.40
N TYR B 226 31.26 -12.33 -6.00
CA TYR B 226 29.83 -12.70 -6.04
C TYR B 226 29.24 -12.42 -7.44
N VAL B 227 29.85 -11.58 -8.28
CA VAL B 227 29.33 -11.26 -9.66
C VAL B 227 30.43 -11.59 -10.65
N PRO B 228 30.18 -12.42 -11.68
CA PRO B 228 31.21 -12.78 -12.64
C PRO B 228 31.55 -11.67 -13.65
N ALA B 229 32.79 -11.72 -14.13
CA ALA B 229 33.35 -10.79 -15.14
C ALA B 229 32.33 -10.57 -16.28
N GLU B 230 31.72 -11.65 -16.79
CA GLU B 230 30.89 -11.55 -18.03
C GLU B 230 29.63 -10.75 -17.72
N SER B 231 29.16 -10.72 -16.47
CA SER B 231 27.95 -9.88 -16.18
C SER B 231 28.24 -8.40 -16.40
N LEU B 232 29.46 -7.97 -16.11
CA LEU B 232 29.72 -6.52 -16.16
C LEU B 232 29.87 -6.11 -17.63
N GLU B 233 29.93 -7.06 -18.58
CA GLU B 233 30.02 -6.74 -20.06
C GLU B 233 28.62 -6.79 -20.71
N LYS B 234 27.57 -6.93 -19.91
CA LYS B 234 26.23 -7.24 -20.42
C LYS B 234 25.21 -6.14 -20.11
N ASN B 235 24.18 -6.10 -20.93
CA ASN B 235 23.06 -5.15 -20.71
C ASN B 235 21.93 -5.86 -19.97
N THR B 236 20.79 -5.18 -19.77
CA THR B 236 19.66 -5.70 -18.98
C THR B 236 19.13 -7.01 -19.56
N ALA B 237 18.87 -7.05 -20.87
CA ALA B 237 18.32 -8.25 -21.54
C ALA B 237 19.30 -9.42 -21.46
N GLN B 238 20.58 -9.16 -21.64
CA GLN B 238 21.64 -10.23 -21.61
C GLN B 238 21.65 -10.90 -20.23
N ILE B 239 21.43 -10.11 -19.18
CA ILE B 239 21.43 -10.69 -17.81
C ILE B 239 20.17 -11.54 -17.59
N GLU B 240 18.98 -11.07 -18.01
CA GLU B 240 17.74 -11.88 -17.97
C GLU B 240 18.08 -13.21 -18.65
N ALA B 241 18.69 -13.15 -19.83
CA ALA B 241 18.95 -14.39 -20.63
C ALA B 241 19.82 -15.36 -19.81
N ASP B 242 20.85 -14.85 -19.14
CA ASP B 242 21.79 -15.65 -18.31
C ASP B 242 21.06 -16.29 -17.12
N PHE B 243 20.20 -15.55 -16.44
CA PHE B 243 19.38 -16.16 -15.37
C PHE B 243 18.51 -17.27 -15.96
N GLN B 244 17.80 -17.01 -17.08
CA GLN B 244 16.90 -18.04 -17.67
C GLN B 244 17.75 -19.28 -18.04
N ALA B 245 19.01 -19.09 -18.43
CA ALA B 245 19.87 -20.16 -18.96
C ALA B 245 20.58 -20.88 -17.80
N GLY B 246 20.39 -20.45 -16.56
CA GLY B 246 20.83 -21.24 -15.39
C GLY B 246 22.20 -20.83 -14.95
N LYS B 247 22.64 -19.63 -15.28
CA LYS B 247 24.00 -19.13 -15.00
C LYS B 247 24.09 -18.28 -13.71
N CYS B 248 22.96 -17.93 -13.10
CA CYS B 248 22.83 -16.93 -11.98
C CYS B 248 21.90 -17.53 -10.93
N ALA B 249 22.30 -17.53 -9.66
CA ALA B 249 21.39 -17.90 -8.53
C ALA B 249 20.37 -16.77 -8.22
N VAL B 250 20.81 -15.53 -8.34
CA VAL B 250 20.01 -14.34 -7.94
C VAL B 250 20.25 -13.21 -8.95
N PHE B 251 19.19 -12.54 -9.34
CA PHE B 251 19.26 -11.26 -10.07
C PHE B 251 17.98 -10.43 -9.87
N ALA B 252 18.09 -9.10 -10.03
CA ALA B 252 17.00 -8.15 -9.84
C ALA B 252 16.30 -7.93 -11.17
N SER B 253 14.97 -8.01 -11.20
CA SER B 253 14.19 -7.68 -12.43
C SER B 253 12.80 -7.22 -12.07
N GLY B 254 12.00 -6.95 -13.11
CA GLY B 254 10.62 -6.53 -12.94
C GLY B 254 9.68 -7.72 -12.97
N PRO B 255 8.36 -7.44 -12.91
CA PRO B 255 7.34 -8.47 -12.86
C PRO B 255 7.17 -9.33 -14.10
N TRP B 256 7.69 -8.85 -15.23
CA TRP B 256 7.59 -9.50 -16.53
C TRP B 256 8.24 -10.89 -16.53
N MET B 257 9.25 -11.15 -15.66
CA MET B 257 9.90 -12.47 -15.61
C MET B 257 8.89 -13.54 -15.16
N ILE B 258 7.90 -13.21 -14.32
CA ILE B 258 6.88 -14.18 -13.86
C ILE B 258 6.11 -14.74 -15.06
N GLN B 259 5.60 -13.87 -15.90
CA GLN B 259 4.80 -14.25 -17.10
C GLN B 259 5.70 -15.07 -18.04
N ARG B 260 6.93 -14.58 -18.24
CA ARG B 260 7.92 -15.25 -19.10
C ARG B 260 8.22 -16.66 -18.59
N ALA B 261 8.31 -16.88 -17.28
CA ALA B 261 8.55 -18.22 -16.71
C ALA B 261 7.41 -19.19 -17.02
N GLN B 262 6.20 -18.67 -17.33
CA GLN B 262 4.98 -19.48 -17.52
C GLN B 262 4.78 -19.87 -18.98
N VAL B 263 5.52 -19.23 -19.89
CA VAL B 263 5.33 -19.27 -21.36
C VAL B 263 6.47 -20.10 -21.96
N PRO B 264 6.19 -20.98 -22.96
CA PRO B 264 7.27 -21.71 -23.64
C PRO B 264 8.32 -20.79 -24.32
N GLU B 265 9.56 -21.26 -24.44
CA GLU B 265 10.66 -20.48 -25.08
C GLU B 265 10.21 -20.05 -26.49
N ALA B 266 9.45 -20.89 -27.19
CA ALA B 266 8.91 -20.64 -28.54
C ALA B 266 7.97 -19.42 -28.61
N LYS B 267 7.44 -18.97 -27.47
CA LYS B 267 6.53 -17.79 -27.37
C LYS B 267 7.25 -16.67 -26.63
N GLY B 268 8.59 -16.79 -26.47
CA GLY B 268 9.48 -15.78 -25.90
C GLY B 268 9.63 -15.93 -24.39
N GLY B 269 9.18 -17.05 -23.81
CA GLY B 269 9.30 -17.30 -22.36
C GLY B 269 10.45 -18.21 -22.04
N PHE B 270 10.42 -18.89 -20.88
CA PHE B 270 11.49 -19.87 -20.51
C PHE B 270 10.94 -21.01 -19.65
N ALA B 271 9.66 -21.36 -19.82
CA ALA B 271 8.93 -22.39 -19.03
C ALA B 271 9.68 -23.71 -18.94
N GLU B 272 10.35 -24.13 -20.02
CA GLU B 272 11.07 -25.41 -20.12
C GLU B 272 12.34 -25.40 -19.28
N ARG B 273 12.89 -24.24 -18.88
CA ARG B 273 14.21 -24.12 -18.23
CA ARG B 273 14.21 -24.12 -18.23
C ARG B 273 14.10 -24.40 -16.71
N THR B 274 15.14 -25.02 -16.14
CA THR B 274 15.22 -25.31 -14.69
C THR B 274 14.85 -24.06 -13.90
N ALA B 275 15.36 -22.87 -14.28
CA ALA B 275 15.10 -21.63 -13.51
C ALA B 275 13.61 -21.37 -13.40
N ALA B 276 12.81 -21.58 -14.47
CA ALA B 276 11.35 -21.36 -14.43
C ALA B 276 10.70 -22.29 -13.40
N LYS B 277 11.22 -23.52 -13.23
CA LYS B 277 10.64 -24.59 -12.37
C LYS B 277 11.13 -24.46 -10.91
N ASN B 278 12.07 -23.59 -10.66
CA ASN B 278 12.72 -23.40 -9.33
C ASN B 278 12.80 -21.89 -9.04
N LEU B 279 11.70 -21.18 -9.20
CA LEU B 279 11.70 -19.68 -9.21
C LEU B 279 11.10 -19.11 -7.94
N GLY B 280 11.85 -18.24 -7.29
CA GLY B 280 11.40 -17.47 -6.14
C GLY B 280 11.58 -15.98 -6.38
N VAL B 281 10.83 -15.17 -5.63
CA VAL B 281 10.98 -13.68 -5.69
C VAL B 281 10.97 -13.16 -4.27
N ALA B 282 11.78 -12.15 -4.00
CA ALA B 282 11.80 -11.44 -2.70
C ALA B 282 12.01 -9.97 -2.97
N PRO B 283 11.52 -9.08 -2.08
CA PRO B 283 11.85 -7.68 -2.19
C PRO B 283 13.33 -7.47 -1.90
N TYR B 284 13.84 -6.30 -2.28
CA TYR B 284 15.22 -5.87 -1.88
C TYR B 284 15.30 -5.92 -0.36
N PRO B 285 16.50 -6.20 0.19
CA PRO B 285 16.71 -6.21 1.63
C PRO B 285 16.68 -4.84 2.28
N ALA B 286 16.33 -4.77 3.57
CA ALA B 286 16.47 -3.53 4.39
C ALA B 286 17.96 -3.18 4.56
N GLY B 287 18.33 -1.92 4.28
CA GLY B 287 19.67 -1.39 4.60
C GLY B 287 19.66 -0.86 6.04
N PRO B 288 20.78 -0.26 6.47
CA PRO B 288 20.81 0.32 7.81
C PRO B 288 19.76 1.45 8.04
N LYS B 289 19.30 2.15 7.00
CA LYS B 289 18.36 3.28 7.18
C LYS B 289 17.01 2.99 6.53
N GLY B 290 16.76 1.73 6.17
CA GLY B 290 15.43 1.35 5.69
C GLY B 290 15.46 0.58 4.38
N ARG B 291 14.29 0.21 3.93
CA ARG B 291 14.07 -0.71 2.81
C ARG B 291 13.30 0.00 1.71
N TYR B 292 13.77 -0.12 0.48
CA TYR B 292 13.32 0.69 -0.65
C TYR B 292 13.33 -0.16 -1.92
N THR B 293 12.23 -0.08 -2.67
CA THR B 293 12.08 -0.72 -3.97
C THR B 293 12.09 0.39 -5.03
N PHE B 294 13.00 0.30 -6.00
CA PHE B 294 13.07 1.25 -7.12
C PHE B 294 11.79 1.18 -7.97
N PHE B 295 11.20 2.35 -8.19
CA PHE B 295 10.06 2.51 -9.14
C PHE B 295 10.46 3.44 -10.28
N GLY B 296 10.04 3.06 -11.48
CA GLY B 296 9.89 3.95 -12.64
C GLY B 296 8.63 3.56 -13.37
N GLY B 297 8.69 3.61 -14.69
CA GLY B 297 7.48 3.41 -15.50
C GLY B 297 7.18 4.59 -16.36
N SER B 298 5.92 4.66 -16.76
CA SER B 298 5.45 5.59 -17.79
C SER B 298 4.08 6.12 -17.40
N ASN B 299 3.96 7.42 -17.66
CA ASN B 299 2.71 8.19 -17.53
C ASN B 299 2.25 8.66 -18.90
N LEU B 300 1.08 9.27 -18.89
CA LEU B 300 0.41 9.88 -20.05
C LEU B 300 0.17 11.35 -19.75
N ALA B 301 0.43 12.21 -20.73
CA ALA B 301 0.28 13.67 -20.61
C ALA B 301 -0.51 14.23 -21.81
N LEU B 302 -1.12 15.37 -21.61
CA LEU B 302 -2.02 16.03 -22.60
C LEU B 302 -1.38 17.37 -22.93
N PHE B 303 -1.03 17.57 -24.20
CA PHE B 303 -0.52 18.87 -24.65
C PHE B 303 -1.59 19.95 -24.52
N ASN B 304 -1.20 21.09 -23.98
CA ASN B 304 -2.14 22.20 -23.76
C ASN B 304 -2.50 22.84 -25.12
N PHE B 305 -1.85 22.48 -26.24
CA PHE B 305 -2.29 23.00 -27.57
C PHE B 305 -3.30 22.03 -28.21
N SER B 306 -3.58 20.87 -27.60
CA SER B 306 -4.59 19.92 -28.12
C SER B 306 -5.90 20.68 -28.35
N LYS B 307 -6.53 20.34 -29.45
CA LYS B 307 -7.88 20.83 -29.83
C LYS B 307 -8.96 19.87 -29.28
N ASN B 308 -8.53 18.75 -28.67
CA ASN B 308 -9.39 17.63 -28.25
C ASN B 308 -9.25 17.39 -26.73
N LYS B 309 -9.08 18.43 -25.92
CA LYS B 309 -8.79 18.23 -24.47
C LYS B 309 -9.90 17.47 -23.75
N PRO B 310 -11.22 17.83 -23.83
CA PRO B 310 -12.24 17.03 -23.11
C PRO B 310 -12.26 15.55 -23.46
N LEU B 311 -12.17 15.24 -24.75
CA LEU B 311 -12.18 13.83 -25.23
C LEU B 311 -10.87 13.11 -24.81
N ALA B 312 -9.76 13.82 -24.88
CA ALA B 312 -8.42 13.32 -24.46
C ALA B 312 -8.52 12.98 -22.97
N LYS B 313 -9.22 13.79 -22.17
CA LYS B 313 -9.31 13.53 -20.71
C LYS B 313 -10.16 12.30 -20.48
N GLU B 314 -11.20 12.05 -21.30
CA GLU B 314 -12.00 10.81 -21.18
C GLU B 314 -11.08 9.62 -21.48
N LEU B 315 -10.20 9.73 -22.49
CA LEU B 315 -9.27 8.61 -22.81
C LEU B 315 -8.29 8.43 -21.65
N LEU B 316 -7.79 9.49 -21.04
CA LEU B 316 -6.88 9.40 -19.87
C LEU B 316 -7.63 8.70 -18.72
N LYS B 317 -8.92 9.03 -18.48
CA LYS B 317 -9.67 8.30 -17.43
C LYS B 317 -9.80 6.82 -17.77
N TYR B 318 -10.00 6.49 -19.02
CA TYR B 318 -10.14 5.09 -19.47
C TYR B 318 -8.81 4.35 -19.27
N LEU B 319 -7.72 4.91 -19.82
CA LEU B 319 -6.34 4.31 -19.75
C LEU B 319 -5.88 4.24 -18.28
N GLY B 320 -6.25 5.20 -17.44
CA GLY B 320 -5.85 5.24 -16.03
C GLY B 320 -6.66 4.33 -15.14
N GLY B 321 -7.82 3.85 -15.60
CA GLY B 321 -8.88 3.23 -14.82
C GLY B 321 -8.72 1.70 -14.74
N PRO B 322 -9.44 1.03 -13.81
CA PRO B 322 -9.15 -0.37 -13.45
C PRO B 322 -9.07 -1.38 -14.59
N GLU B 323 -10.03 -1.38 -15.51
CA GLU B 323 -10.07 -2.45 -16.54
C GLU B 323 -8.89 -2.30 -17.50
N ALA B 324 -8.63 -1.07 -17.97
CA ALA B 324 -7.53 -0.83 -18.92
C ALA B 324 -6.19 -0.96 -18.17
N GLN B 325 -6.12 -0.57 -16.89
CA GLN B 325 -4.87 -0.77 -16.10
C GLN B 325 -4.48 -2.27 -16.09
N VAL B 326 -5.42 -3.13 -15.79
CA VAL B 326 -5.12 -4.57 -15.70
C VAL B 326 -4.73 -5.11 -17.05
N ARG B 327 -5.49 -4.77 -18.10
CA ARG B 327 -5.25 -5.32 -19.46
C ARG B 327 -3.84 -4.87 -19.90
N TYR B 328 -3.50 -3.59 -19.70
CA TYR B 328 -2.19 -3.10 -20.23
C TYR B 328 -1.02 -3.65 -19.41
N ALA B 329 -1.17 -3.83 -18.09
CA ALA B 329 -0.14 -4.46 -17.25
C ALA B 329 0.14 -5.87 -17.77
N GLN B 330 -0.89 -6.62 -18.10
CA GLN B 330 -0.75 -7.95 -18.75
C GLN B 330 0.00 -7.80 -20.05
N MET B 331 -0.30 -6.82 -20.88
CA MET B 331 0.32 -6.74 -22.23
C MET B 331 1.81 -6.41 -22.05
N THR B 332 2.16 -5.56 -21.09
CA THR B 332 3.49 -4.97 -20.98
C THR B 332 4.35 -5.81 -20.06
N GLY B 333 3.78 -6.66 -19.21
CA GLY B 333 4.58 -7.33 -18.16
C GLY B 333 4.87 -6.43 -16.97
N MET B 334 4.15 -5.31 -16.83
CA MET B 334 4.40 -4.32 -15.77
C MET B 334 3.37 -4.46 -14.64
N LEU B 335 3.50 -3.66 -13.59
CA LEU B 335 2.48 -3.57 -12.53
C LEU B 335 1.57 -2.41 -12.91
N PRO B 336 0.26 -2.48 -12.67
CA PRO B 336 -0.57 -1.29 -12.87
C PRO B 336 -0.05 -0.14 -12.01
N ALA B 337 -0.06 1.07 -12.57
CA ALA B 337 0.16 2.32 -11.82
C ALA B 337 -0.97 2.56 -10.83
N LEU B 338 -2.21 2.15 -11.15
CA LEU B 338 -3.37 2.39 -10.25
C LEU B 338 -3.43 1.30 -9.19
N ARG B 339 -3.24 1.63 -7.92
CA ARG B 339 -3.18 0.58 -6.85
C ARG B 339 -4.47 -0.23 -6.83
N SER B 340 -5.62 0.41 -7.13
CA SER B 340 -6.96 -0.23 -7.11
C SER B 340 -6.94 -1.43 -8.07
N ALA B 341 -6.17 -1.34 -9.16
CA ALA B 341 -6.13 -2.41 -10.16
C ALA B 341 -5.45 -3.65 -9.60
N TRP B 342 -4.58 -3.51 -8.59
CA TRP B 342 -3.87 -4.68 -8.04
C TRP B 342 -4.84 -5.66 -7.39
N SER B 343 -6.03 -5.19 -7.00
CA SER B 343 -7.06 -6.03 -6.35
C SER B 343 -7.66 -6.96 -7.40
N ASP B 344 -7.41 -6.72 -8.68
CA ASP B 344 -7.93 -7.61 -9.73
C ASP B 344 -7.48 -9.04 -9.46
N PRO B 345 -8.39 -10.04 -9.61
CA PRO B 345 -7.98 -11.45 -9.66
C PRO B 345 -6.69 -11.71 -10.45
N SER B 346 -6.44 -11.04 -11.57
CA SER B 346 -5.22 -11.23 -12.44
C SER B 346 -3.96 -11.23 -11.58
N PHE B 347 -3.88 -10.30 -10.61
CA PHE B 347 -2.75 -10.15 -9.65
C PHE B 347 -2.96 -11.05 -8.42
N GLN B 348 -4.17 -11.05 -7.85
CA GLN B 348 -4.41 -11.57 -6.47
C GLN B 348 -4.29 -13.11 -6.44
N GLN B 349 -4.31 -13.76 -7.61
CA GLN B 349 -4.30 -15.24 -7.77
C GLN B 349 -2.99 -15.67 -8.45
N ASN B 350 -1.87 -15.02 -8.13
CA ASN B 350 -0.48 -15.49 -8.48
C ASN B 350 0.47 -15.22 -7.31
N PRO B 351 1.07 -16.24 -6.64
CA PRO B 351 1.91 -16.01 -5.46
C PRO B 351 3.15 -15.16 -5.72
N LEU B 352 3.75 -15.30 -6.92
CA LEU B 352 4.97 -14.55 -7.28
C LEU B 352 4.58 -13.08 -7.44
N LEU B 353 3.46 -12.81 -8.09
CA LEU B 353 2.98 -11.42 -8.26
C LEU B 353 2.62 -10.83 -6.89
N ARG B 354 2.04 -11.61 -5.98
CA ARG B 354 1.73 -11.15 -4.61
C ARG B 354 3.00 -10.66 -3.92
N THR B 355 4.15 -11.33 -4.12
CA THR B 355 5.46 -10.85 -3.58
C THR B 355 5.91 -9.51 -4.18
N PHE B 356 5.66 -9.23 -5.46
CA PHE B 356 5.91 -7.91 -6.07
C PHE B 356 5.03 -6.86 -5.40
N ILE B 357 3.78 -7.19 -5.13
CA ILE B 357 2.92 -6.19 -4.44
C ILE B 357 3.44 -5.96 -3.01
N GLN B 358 3.97 -6.99 -2.34
CA GLN B 358 4.68 -6.78 -1.05
C GLN B 358 5.88 -5.84 -1.26
N ALA B 359 6.66 -6.04 -2.32
CA ALA B 359 7.83 -5.15 -2.59
C ALA B 359 7.35 -3.71 -2.87
N ALA B 360 6.17 -3.58 -3.49
CA ALA B 360 5.60 -2.30 -3.92
C ALA B 360 5.37 -1.40 -2.73
N GLN B 361 5.16 -1.95 -1.54
CA GLN B 361 4.84 -1.13 -0.35
C GLN B 361 6.05 -0.22 0.00
N PHE B 362 7.26 -0.58 -0.45
CA PHE B 362 8.51 0.15 -0.13
C PHE B 362 8.94 1.03 -1.31
N GLY B 363 8.02 1.35 -2.19
CA GLY B 363 8.36 2.04 -3.45
C GLY B 363 9.00 3.38 -3.22
N ARG B 364 9.97 3.72 -4.06
CA ARG B 364 10.59 5.06 -4.06
C ARG B 364 11.01 5.40 -5.50
N THR B 365 10.84 6.64 -5.90
CA THR B 365 11.22 7.19 -7.22
C THR B 365 12.20 8.32 -6.98
N TYR B 366 12.92 8.70 -8.03
CA TYR B 366 13.67 9.97 -8.07
C TYR B 366 12.74 11.17 -7.92
N PRO B 367 13.25 12.30 -7.42
CA PRO B 367 12.53 13.57 -7.44
C PRO B 367 12.20 13.91 -8.88
N SER B 368 11.01 14.49 -9.10
CA SER B 368 10.51 14.87 -10.45
CA SER B 368 10.52 14.86 -10.45
C SER B 368 11.09 16.23 -10.86
N LEU B 369 12.38 16.31 -11.04
CA LEU B 369 13.09 17.59 -11.30
C LEU B 369 13.06 17.91 -12.78
N ALA B 370 12.99 19.19 -13.07
CA ALA B 370 13.11 19.72 -14.44
C ALA B 370 14.47 19.33 -15.01
N GLY B 371 15.51 19.26 -14.18
CA GLY B 371 16.88 18.99 -14.64
C GLY B 371 17.28 17.54 -14.51
N TRP B 372 16.32 16.63 -14.28
CA TRP B 372 16.63 15.22 -13.97
C TRP B 372 17.54 14.61 -15.03
N GLY B 373 17.22 14.78 -16.31
CA GLY B 373 17.99 14.12 -17.38
C GLY B 373 19.49 14.41 -17.29
N GLY B 374 19.88 15.66 -17.04
CA GLY B 374 21.29 16.10 -16.88
C GLY B 374 21.94 15.44 -15.66
N VAL B 375 21.20 15.39 -14.55
CA VAL B 375 21.59 14.75 -13.29
C VAL B 375 21.93 13.28 -13.59
N GLU B 376 21.00 12.57 -14.19
CA GLU B 376 21.12 11.11 -14.42
C GLU B 376 22.23 10.86 -15.44
N ASN B 377 22.37 11.65 -16.50
CA ASN B 377 23.49 11.47 -17.48
C ASN B 377 24.83 11.51 -16.73
N LEU B 378 25.01 12.49 -15.85
CA LEU B 378 26.30 12.67 -15.14
C LEU B 378 26.46 11.53 -14.12
N ALA B 379 25.41 11.15 -13.44
CA ALA B 379 25.49 10.10 -12.42
C ALA B 379 25.89 8.82 -13.15
N VAL B 380 25.30 8.56 -14.31
CA VAL B 380 25.56 7.32 -15.09
C VAL B 380 27.00 7.31 -15.64
N GLN B 381 27.51 8.44 -16.11
CA GLN B 381 28.89 8.54 -16.60
C GLN B 381 29.83 8.13 -15.46
N HIS B 382 29.65 8.67 -14.28
CA HIS B 382 30.63 8.49 -13.16
C HIS B 382 30.42 7.10 -12.55
N LEU B 383 29.20 6.63 -12.45
CA LEU B 383 28.95 5.22 -12.01
C LEU B 383 29.53 4.26 -13.01
N GLY B 384 29.44 4.56 -14.32
CA GLY B 384 30.11 3.73 -15.33
C GLY B 384 31.61 3.61 -15.09
N MET B 385 32.28 4.70 -14.71
CA MET B 385 33.74 4.65 -14.39
C MET B 385 34.01 3.80 -13.17
N ALA B 386 33.15 3.87 -12.17
CA ALA B 386 33.30 3.06 -10.95
C ALA B 386 33.15 1.57 -11.33
N TRP B 387 32.17 1.20 -12.18
CA TRP B 387 31.99 -0.22 -12.61
C TRP B 387 33.18 -0.68 -13.44
N ASP B 388 33.78 0.20 -14.27
CA ASP B 388 35.06 -0.10 -15.01
C ASP B 388 36.17 -0.47 -14.03
N LEU B 389 36.27 0.23 -12.90
CA LEU B 389 37.28 -0.12 -11.87
C LEU B 389 36.89 -1.46 -11.27
N VAL B 390 35.61 -1.67 -10.98
CA VAL B 390 35.15 -2.98 -10.40
C VAL B 390 35.57 -4.11 -11.34
N ALA B 391 35.31 -4.00 -12.63
CA ALA B 391 35.68 -5.02 -13.66
C ALA B 391 37.17 -5.38 -13.58
N GLN B 392 38.04 -4.42 -13.24
CA GLN B 392 39.50 -4.63 -13.17
C GLN B 392 39.93 -5.02 -11.76
N GLY B 393 39.01 -5.06 -10.80
CA GLY B 393 39.31 -5.36 -9.40
C GLY B 393 39.96 -4.18 -8.70
N ARG B 394 39.75 -2.95 -9.19
CA ARG B 394 40.54 -1.75 -8.73
C ARG B 394 39.72 -0.77 -7.89
N LEU B 395 38.47 -1.08 -7.56
CA LEU B 395 37.66 -0.11 -6.80
C LEU B 395 38.13 -0.07 -5.35
N THR B 396 38.38 1.12 -4.84
CA THR B 396 38.60 1.38 -3.39
C THR B 396 37.52 2.36 -2.94
N ARG B 397 37.29 2.49 -1.64
CA ARG B 397 36.36 3.52 -1.15
C ARG B 397 36.87 4.91 -1.52
N GLU B 398 38.19 5.17 -1.48
CA GLU B 398 38.74 6.48 -1.89
C GLU B 398 38.50 6.73 -3.40
N ALA B 399 38.73 5.77 -4.29
CA ALA B 399 38.51 5.99 -5.73
C ALA B 399 37.02 6.31 -6.00
N LEU B 400 36.13 5.61 -5.30
CA LEU B 400 34.67 5.79 -5.46
C LEU B 400 34.33 7.20 -5.00
N LYS B 401 34.91 7.63 -3.85
CA LYS B 401 34.67 9.00 -3.34
C LYS B 401 35.12 10.04 -4.36
N ASP B 402 36.28 9.86 -4.97
CA ASP B 402 36.82 10.87 -5.92
C ASP B 402 35.88 10.93 -7.12
N LEU B 403 35.32 9.81 -7.57
CA LEU B 403 34.45 9.79 -8.75
C LEU B 403 33.10 10.46 -8.40
N MET B 404 32.53 10.18 -7.23
CA MET B 404 31.26 10.81 -6.80
C MET B 404 31.47 12.30 -6.45
N ASP B 405 32.66 12.71 -6.03
CA ASP B 405 33.00 14.14 -5.85
C ASP B 405 32.97 14.85 -7.20
N LYS B 406 33.53 14.24 -8.23
CA LYS B 406 33.51 14.76 -9.63
C LYS B 406 32.06 14.81 -10.11
N ALA B 407 31.30 13.73 -9.91
CA ALA B 407 29.89 13.69 -10.33
C ALA B 407 29.12 14.84 -9.66
N SER B 408 29.32 15.06 -8.35
CA SER B 408 28.61 16.09 -7.54
C SER B 408 28.90 17.51 -8.05
N ALA B 409 30.15 17.86 -8.31
CA ALA B 409 30.52 19.18 -8.87
C ALA B 409 29.76 19.41 -10.17
N ALA B 410 29.75 18.41 -11.07
CA ALA B 410 29.14 18.57 -12.41
C ALA B 410 27.62 18.69 -12.25
N ILE B 411 27.04 17.85 -11.41
CA ILE B 411 25.58 17.86 -11.15
C ILE B 411 25.17 19.22 -10.55
N ASN B 412 25.90 19.74 -9.58
CA ASN B 412 25.53 21.01 -8.88
C ASN B 412 25.52 22.15 -9.89
N GLN B 413 26.51 22.18 -10.79
CA GLN B 413 26.61 23.15 -11.91
C GLN B 413 25.33 23.01 -12.77
N ALA B 414 24.96 21.80 -13.20
CA ALA B 414 23.77 21.56 -14.06
C ALA B 414 22.51 22.02 -13.33
N LEU B 415 22.40 21.76 -12.03
CA LEU B 415 21.15 22.00 -11.27
C LEU B 415 20.96 23.51 -11.13
N ARG B 416 22.05 24.28 -11.08
CA ARG B 416 22.02 25.76 -10.98
C ARG B 416 21.27 26.33 -12.18
N HIS B 417 21.43 25.70 -13.35
CA HIS B 417 20.79 26.14 -14.62
C HIS B 417 19.25 26.07 -14.58
N HIS B 418 18.63 25.25 -13.72
CA HIS B 418 17.14 25.14 -13.66
C HIS B 418 16.55 25.91 -12.47
C2 BGC C . -12.26 -4.32 7.59
C3 BGC C . -12.13 -3.14 6.64
C4 BGC C . -11.05 -3.44 5.65
C5 BGC C . -11.32 -4.76 4.97
C6 BGC C . -10.26 -5.26 4.00
C1 BGC C . -12.53 -5.62 6.81
O1 BGC C . -12.49 -6.63 7.80
O2 BGC C . -13.26 -4.06 8.55
O3 BGC C . -11.79 -1.99 7.42
O4 BGC C . -10.93 -2.35 4.73
O5 BGC C . -11.40 -5.80 5.97
O6 BGC C . -8.95 -5.13 4.59
C2 BGC C . -12.46 0.11 8.28
C3 BGC C . -12.89 1.53 7.92
C4 BGC C . -12.00 2.13 6.81
C5 BGC C . -11.93 1.12 5.63
C6 BGC C . -11.08 1.62 4.45
C1 BGC C . -12.36 -0.77 7.00
O2 BGC C . -13.50 -0.41 9.08
O3 BGC C . -12.89 2.32 9.13
O4 BGC C . -12.53 3.37 6.34
O5 BGC C . -11.42 -0.15 6.11
O6 BGC C . -9.73 1.74 4.83
C2 BGC D . 12.28 0.29 -19.70
C3 BGC D . 12.45 1.77 -19.98
C4 BGC D . 13.68 1.97 -20.88
C5 BGC D . 13.56 1.13 -22.14
C6 BGC D . 14.72 1.25 -23.10
C1 BGC D . 12.24 -0.47 -21.03
O1 BGC D . 12.09 -1.86 -20.75
O2 BGC D . 11.06 0.02 -18.98
O3 BGC D . 12.60 2.48 -18.75
O4 BGC D . 13.88 3.34 -21.23
O5 BGC D . 13.43 -0.22 -21.80
O6 BGC D . 15.81 0.64 -22.45
C2 BGC D . 11.59 3.83 -17.12
C3 BGC D . 11.16 5.24 -16.85
C4 BGC D . 12.15 6.28 -17.36
C5 BGC D . 12.45 6.00 -18.82
C6 BGC D . 13.42 6.94 -19.49
C1 BGC D . 11.97 3.71 -18.59
O2 BGC D . 10.47 2.94 -16.82
O3 BGC D . 10.98 5.45 -15.44
O4 BGC D . 11.61 7.54 -17.18
O5 BGC D . 12.90 4.68 -18.96
O6 BGC D . 14.70 6.83 -18.89
CL CL E . -5.54 11.22 15.34
C ACT F . 14.00 0.58 25.96
O ACT F . 13.27 -0.16 25.26
OXT ACT F . 15.06 1.09 25.55
CH3 ACT F . 13.53 0.90 27.38
S SO4 G . -4.63 -7.06 5.89
O1 SO4 G . -3.91 -7.58 4.75
O2 SO4 G . -5.96 -7.60 5.90
O3 SO4 G . -3.90 -7.44 7.06
O4 SO4 G . -4.71 -5.61 5.80
C1 EDO H . -22.56 -14.55 -2.51
O1 EDO H . -21.26 -14.37 -2.00
C2 EDO H . -23.45 -13.42 -2.15
O2 EDO H . -24.74 -13.79 -1.77
C1 EDO I . -12.08 20.52 -0.43
O1 EDO I . -10.96 19.63 -0.56
C2 EDO I . -12.54 20.77 0.97
O2 EDO I . -11.64 20.31 1.95
C1 EDO J . 16.75 4.61 22.42
O1 EDO J . 17.40 3.52 22.99
C2 EDO J . 17.57 5.86 22.42
O2 EDO J . 17.55 6.57 21.17
CL CL K . 17.10 10.43 -4.88
S SO4 L . 20.00 -1.55 -21.27
O1 SO4 L . 20.74 -1.54 -22.52
O2 SO4 L . 18.71 -2.14 -21.51
O3 SO4 L . 20.73 -2.29 -20.29
O4 SO4 L . 19.84 -0.20 -20.79
C1 EDO M . 16.96 14.30 -20.87
O1 EDO M . 18.26 13.99 -21.29
C2 EDO M . 15.90 13.34 -21.27
O2 EDO M . 16.35 12.01 -21.53
C1 EDO N . 45.62 -0.26 -17.12
O1 EDO N . 46.98 -0.40 -16.78
C2 EDO N . 45.28 -0.95 -18.38
O2 EDO N . 45.37 -2.34 -18.24
C1 PGO O . 40.53 2.32 0.18
C2 PGO O . 39.75 1.45 1.14
C3 PGO O . 39.35 2.16 2.41
O1 PGO O . 40.12 3.68 0.17
O2 PGO O . 38.60 0.91 0.45
C1 PEG P . 3.25 -4.08 -33.92
O1 PEG P . 1.86 -4.08 -33.69
C2 PEG P . 3.66 -2.82 -34.56
O2 PEG P . 3.69 -1.77 -33.60
C3 PEG P . 4.34 -0.60 -34.10
C4 PEG P . 3.81 -0.24 -35.47
O4 PEG P . 3.64 1.13 -35.64
#